data_1ZNM
#
_entry.id   1ZNM
#
_cell.length_a   1.000
_cell.length_b   1.000
_cell.length_c   1.000
_cell.angle_alpha   90.00
_cell.angle_beta   90.00
_cell.angle_gamma   90.00
#
_symmetry.space_group_name_H-M   'P 1'
#
loop_
_entity.id
_entity.type
_entity.pdbx_description
1 polymer YY1
2 non-polymer 'ZINC ION'
#
_entity_poly.entity_id   1
_entity_poly.type   'polypeptide(L)'
_entity_poly.pdbx_seq_one_letter_code
;PFQCTF(NVA)CCGKRFSLDFNLKTHVKIHTG
;
_entity_poly.pdbx_strand_id   A
#
loop_
_chem_comp.id
_chem_comp.type
_chem_comp.name
_chem_comp.formula
ZN non-polymer 'ZINC ION' 'Zn 2'
#
# COMPACT_ATOMS: atom_id res chain seq x y z
N PHE A 2 6.44 0.81 3.53
CA PHE A 2 6.19 2.27 3.33
C PHE A 2 4.98 2.74 4.17
N GLN A 3 3.89 3.06 3.54
CA GLN A 3 2.70 3.52 4.30
C GLN A 3 1.54 3.82 3.34
N CYS A 4 0.33 3.66 3.77
CA CYS A 4 -0.82 3.95 2.85
C CYS A 4 -1.33 5.38 3.08
N THR A 5 -2.11 5.88 2.18
CA THR A 5 -2.67 7.26 2.33
C THR A 5 -3.83 7.45 1.36
N PHE A 6 -4.63 6.45 1.19
CA PHE A 6 -5.78 6.54 0.26
C PHE A 6 -7.09 6.14 0.94
N NVA A 7 -8.17 6.73 0.54
CA NVA A 7 -9.49 6.37 1.12
CB NVA A 7 -9.80 5.00 0.55
CG NVA A 7 -11.17 4.56 1.06
CD NVA A 7 -11.10 4.27 2.57
C NVA A 7 -9.43 6.23 2.63
O NVA A 7 -8.63 6.86 3.30
H NVA A 7 -8.13 7.41 -0.16
HA NVA A 7 -10.25 7.07 0.83
HB2 NVA A 7 -9.05 4.29 0.88
HB3 NVA A 7 -9.81 5.05 -0.53
HG2 NVA A 7 -11.48 3.67 0.54
HG3 NVA A 7 -11.89 5.35 0.89
HD3 NVA A 7 -10.93 3.21 2.72
N CYS A 8 -10.27 5.38 3.18
CA CYS A 8 -10.23 5.18 4.66
C CYS A 8 -9.35 3.98 4.98
N CYS A 9 -8.77 3.36 3.97
CA CYS A 9 -7.90 2.18 4.21
C CYS A 9 -6.65 2.65 4.96
N GLY A 10 -5.91 3.54 4.37
CA GLY A 10 -4.68 4.06 5.04
C GLY A 10 -3.95 2.91 5.75
N LYS A 11 -3.73 1.81 5.07
CA LYS A 11 -3.03 0.67 5.71
C LYS A 11 -1.54 0.98 5.87
N ARG A 12 -0.76 0.02 6.28
CA ARG A 12 0.70 0.26 6.45
C ARG A 12 1.50 -0.59 5.44
N PHE A 13 2.50 -0.03 4.84
CA PHE A 13 3.32 -0.80 3.86
C PHE A 13 4.68 -1.16 4.47
N SER A 14 5.21 -2.29 4.12
CA SER A 14 6.52 -2.70 4.68
C SER A 14 7.64 -2.48 3.65
N LEU A 15 7.47 -2.97 2.46
CA LEU A 15 8.51 -2.79 1.41
C LEU A 15 7.86 -2.62 0.03
N ASP A 16 8.64 -2.33 -0.97
CA ASP A 16 8.06 -2.14 -2.33
C ASP A 16 7.13 -3.31 -2.68
N PHE A 17 7.60 -4.51 -2.60
CA PHE A 17 6.71 -5.67 -2.92
C PHE A 17 5.38 -5.50 -2.19
N ASN A 18 5.43 -5.36 -0.89
CA ASN A 18 4.17 -5.18 -0.12
C ASN A 18 3.60 -3.78 -0.40
N LEU A 19 4.39 -2.93 -0.98
CA LEU A 19 3.92 -1.55 -1.29
C LEU A 19 2.91 -1.60 -2.44
N LYS A 20 3.29 -2.16 -3.55
CA LYS A 20 2.35 -2.22 -4.71
C LYS A 20 1.37 -3.37 -4.50
N THR A 21 1.80 -4.42 -3.87
CA THR A 21 0.87 -5.57 -3.62
C THR A 21 -0.35 -5.05 -2.85
N HIS A 22 -0.23 -3.91 -2.23
CA HIS A 22 -1.37 -3.35 -1.47
C HIS A 22 -2.03 -2.20 -2.23
N VAL A 23 -1.37 -1.09 -2.30
CA VAL A 23 -1.97 0.09 -3.00
C VAL A 23 -2.58 -0.34 -4.34
N LYS A 24 -2.15 -1.45 -4.89
CA LYS A 24 -2.72 -1.91 -6.19
C LYS A 24 -4.24 -1.70 -6.23
N ILE A 25 -4.92 -1.85 -5.11
CA ILE A 25 -6.40 -1.64 -5.12
C ILE A 25 -6.70 -0.17 -5.40
N HIS A 26 -6.24 0.71 -4.56
CA HIS A 26 -6.49 2.16 -4.79
C HIS A 26 -6.18 2.47 -6.25
N THR A 27 -5.32 1.70 -6.85
CA THR A 27 -4.98 1.93 -8.27
C THR A 27 -5.81 0.98 -9.16
N GLY A 28 -6.31 -0.09 -8.59
CA GLY A 28 -7.12 -1.04 -9.39
C GLY A 28 -6.39 -2.39 -9.45
ZN ZN B . -4.40 1.25 1.42
N PHE A 2 -2.67 -4.39 -5.99
CA PHE A 2 -3.50 -5.11 -4.98
C PHE A 2 -4.59 -4.18 -4.41
N GLN A 3 -4.47 -3.78 -3.18
CA GLN A 3 -5.50 -2.88 -2.57
C GLN A 3 -5.09 -2.53 -1.14
N CYS A 4 -5.49 -1.39 -0.65
CA CYS A 4 -5.13 -1.02 0.75
C CYS A 4 -6.27 -1.40 1.69
N THR A 5 -5.98 -1.56 2.96
CA THR A 5 -7.05 -1.92 3.93
C THR A 5 -6.63 -1.46 5.32
N PHE A 6 -5.97 -0.34 5.41
CA PHE A 6 -5.52 0.16 6.73
C PHE A 6 -5.97 1.61 6.95
N NVA A 7 -6.32 1.96 8.15
CA NVA A 7 -6.73 3.37 8.42
CB NVA A 7 -5.46 4.18 8.22
CG NVA A 7 -5.76 5.70 8.25
CD NVA A 7 -7.27 5.98 8.34
C NVA A 7 -7.77 3.84 7.43
O NVA A 7 -8.46 3.06 6.79
H NVA A 7 -6.29 1.30 8.88
HA NVA A 7 -7.08 3.47 9.44
HB2 NVA A 7 -5.03 3.93 7.25
HB3 NVA A 7 -4.74 3.94 8.99
HG2 NVA A 7 -5.38 6.15 7.35
HG3 NVA A 7 -5.27 6.13 9.11
HD3 NVA A 7 -7.44 7.04 8.33
N CYS A 8 -7.88 5.13 7.28
CA CYS A 8 -8.85 5.69 6.30
C CYS A 8 -8.16 5.81 4.93
N CYS A 9 -6.87 5.65 4.91
CA CYS A 9 -6.13 5.74 3.63
C CYS A 9 -6.77 4.80 2.62
N GLY A 10 -6.82 3.54 2.94
CA GLY A 10 -7.45 2.54 2.01
C GLY A 10 -7.12 2.89 0.55
N LYS A 11 -5.86 3.14 0.26
CA LYS A 11 -5.49 3.48 -1.15
C LYS A 11 -5.59 2.24 -2.04
N ARG A 12 -5.27 2.37 -3.30
CA ARG A 12 -5.34 1.20 -4.21
C ARG A 12 -3.93 0.75 -4.62
N PHE A 13 -3.67 -0.53 -4.57
CA PHE A 13 -2.32 -1.01 -4.96
C PHE A 13 -2.37 -1.58 -6.39
N SER A 14 -1.32 -1.38 -7.15
CA SER A 14 -1.31 -1.90 -8.54
C SER A 14 -0.49 -3.19 -8.63
N LEU A 15 0.63 -3.25 -7.95
CA LEU A 15 1.47 -4.48 -7.99
C LEU A 15 2.30 -4.59 -6.72
N ASP A 16 3.02 -5.68 -6.56
CA ASP A 16 3.85 -5.85 -5.34
C ASP A 16 4.73 -4.62 -5.13
N PHE A 17 5.45 -4.20 -6.14
CA PHE A 17 6.32 -3.01 -5.97
C PHE A 17 5.50 -1.88 -5.32
N ASN A 18 4.41 -1.50 -5.94
CA ASN A 18 3.56 -0.42 -5.34
C ASN A 18 2.87 -0.96 -4.10
N LEU A 19 2.82 -2.26 -3.96
CA LEU A 19 2.15 -2.87 -2.77
C LEU A 19 2.96 -2.57 -1.52
N LYS A 20 4.23 -2.89 -1.53
CA LYS A 20 5.09 -2.62 -0.33
C LYS A 20 5.51 -1.16 -0.33
N THR A 21 5.68 -0.57 -1.47
CA THR A 21 6.07 0.85 -1.54
C THR A 21 4.99 1.70 -0.87
N HIS A 22 3.81 1.15 -0.73
CA HIS A 22 2.71 1.93 -0.10
C HIS A 22 2.51 1.48 1.36
N VAL A 23 2.03 0.29 1.56
CA VAL A 23 1.81 -0.18 2.97
C VAL A 23 3.01 0.20 3.85
N LYS A 24 4.16 0.40 3.26
CA LYS A 24 5.35 0.77 4.07
C LYS A 24 4.99 1.84 5.12
N ILE A 25 3.96 2.59 4.91
CA ILE A 25 3.58 3.62 5.92
C ILE A 25 2.81 2.94 7.06
N HIS A 26 1.74 2.28 6.73
CA HIS A 26 0.96 1.58 7.79
C HIS A 26 1.91 0.67 8.57
N THR A 27 3.00 0.31 7.95
CA THR A 27 4.00 -0.55 8.64
C THR A 27 5.25 0.27 8.99
N GLY A 28 5.35 1.46 8.45
CA GLY A 28 6.54 2.31 8.75
C GLY A 28 6.32 3.03 10.08
ZN ZN B . -2.89 2.70 2.54
N PHE A 2 -0.27 -7.77 -0.39
CA PHE A 2 0.82 -7.74 0.62
C PHE A 2 0.29 -7.20 1.96
N GLN A 3 0.70 -6.01 2.35
CA GLN A 3 0.22 -5.42 3.63
C GLN A 3 0.81 -4.02 3.82
N CYS A 4 0.14 -3.15 4.52
CA CYS A 4 0.69 -1.79 4.73
C CYS A 4 1.44 -1.72 6.07
N THR A 5 2.24 -0.71 6.24
CA THR A 5 2.99 -0.57 7.53
C THR A 5 3.48 0.88 7.66
N PHE A 6 2.69 1.81 7.23
CA PHE A 6 3.08 3.24 7.30
C PHE A 6 1.98 4.07 7.97
N NVA A 7 2.36 5.07 8.72
CA NVA A 7 1.34 5.94 9.37
CB NVA A 7 0.68 6.68 8.20
CG NVA A 7 -0.62 7.40 8.66
CD NVA A 7 -0.87 7.19 10.16
C NVA A 7 0.28 5.11 10.07
O NVA A 7 0.46 3.94 10.35
H NVA A 7 3.32 5.26 8.83
HA NVA A 7 1.80 6.64 10.04
HB2 NVA A 7 0.43 5.97 7.43
HB3 NVA A 7 1.37 7.41 7.80
HG2 NVA A 7 -1.45 7.00 8.10
HG3 NVA A 7 -0.51 8.46 8.45
HD3 NVA A 7 -1.77 7.73 10.45
N CYS A 8 -0.84 5.71 10.36
CA CYS A 8 -1.94 4.97 11.01
C CYS A 8 -2.75 4.22 9.94
N CYS A 9 -2.49 4.52 8.70
CA CYS A 9 -3.22 3.83 7.59
C CYS A 9 -3.06 2.33 7.77
N GLY A 10 -1.84 1.86 7.72
CA GLY A 10 -1.59 0.40 7.88
C GLY A 10 -2.69 -0.41 7.19
N LYS A 11 -3.01 -0.07 5.96
CA LYS A 11 -4.07 -0.82 5.23
C LYS A 11 -3.56 -2.19 4.80
N ARG A 12 -4.34 -2.91 4.04
CA ARG A 12 -3.90 -4.26 3.58
C ARG A 12 -3.66 -4.26 2.07
N PHE A 13 -2.65 -4.96 1.61
CA PHE A 13 -2.38 -4.98 0.15
C PHE A 13 -2.74 -6.35 -0.43
N SER A 14 -3.21 -6.38 -1.64
CA SER A 14 -3.59 -7.69 -2.27
C SER A 14 -2.41 -8.21 -3.10
N LEU A 15 -2.05 -7.51 -4.13
CA LEU A 15 -0.91 -7.96 -4.98
C LEU A 15 0.00 -6.78 -5.32
N ASP A 16 1.03 -7.00 -6.08
CA ASP A 16 1.95 -5.89 -6.44
C ASP A 16 1.17 -4.70 -7.00
N PHE A 17 0.37 -4.92 -8.01
CA PHE A 17 -0.41 -3.79 -8.58
C PHE A 17 -1.05 -2.99 -7.44
N ASN A 18 -1.85 -3.64 -6.63
CA ASN A 18 -2.48 -2.92 -5.49
C ASN A 18 -1.41 -2.55 -4.47
N LEU A 19 -0.27 -3.20 -4.53
CA LEU A 19 0.82 -2.89 -3.56
C LEU A 19 1.36 -1.48 -3.82
N LYS A 20 1.77 -1.20 -5.02
CA LYS A 20 2.29 0.15 -5.33
C LYS A 20 1.13 1.13 -5.53
N THR A 21 0.02 0.63 -6.01
CA THR A 21 -1.16 1.51 -6.20
C THR A 21 -1.57 2.10 -4.85
N HIS A 22 -1.12 1.50 -3.77
CA HIS A 22 -1.49 2.03 -2.43
C HIS A 22 -0.31 2.77 -1.80
N VAL A 23 0.73 2.07 -1.44
CA VAL A 23 1.90 2.76 -0.82
C VAL A 23 2.23 4.05 -1.58
N LYS A 24 1.85 4.13 -2.83
CA LYS A 24 2.13 5.36 -3.61
C LYS A 24 1.81 6.62 -2.81
N ILE A 25 0.97 6.52 -1.81
CA ILE A 25 0.66 7.73 -1.00
C ILE A 25 1.78 7.95 0.02
N HIS A 26 2.04 6.98 0.84
CA HIS A 26 3.13 7.12 1.84
C HIS A 26 4.40 7.53 1.10
N THR A 27 4.46 7.24 -0.17
CA THR A 27 5.65 7.62 -0.96
C THR A 27 5.29 8.77 -1.92
N GLY A 28 4.02 9.05 -2.06
CA GLY A 28 3.61 10.15 -2.97
C GLY A 28 4.06 11.50 -2.38
ZN ZN B . -1.12 2.45 3.77
N PHE A 2 4.26 -2.33 -5.99
CA PHE A 2 4.06 -3.75 -5.60
C PHE A 2 2.59 -4.17 -5.81
N GLN A 3 1.83 -4.29 -4.75
CA GLN A 3 0.40 -4.69 -4.89
C GLN A 3 -0.27 -4.72 -3.51
N CYS A 4 -1.54 -4.46 -3.43
CA CYS A 4 -2.21 -4.51 -2.10
C CYS A 4 -2.85 -5.88 -1.88
N THR A 5 -2.83 -6.38 -0.67
CA THR A 5 -3.43 -7.70 -0.39
C THR A 5 -4.15 -7.66 0.96
N PHE A 6 -4.78 -6.56 1.26
CA PHE A 6 -5.49 -6.44 2.57
C PHE A 6 -6.94 -6.00 2.36
N NVA A 7 -7.82 -6.45 3.21
CA NVA A 7 -9.25 -6.05 3.09
CB NVA A 7 -9.27 -4.59 3.53
CG NVA A 7 -10.65 -3.95 3.28
CD NVA A 7 -11.59 -4.90 2.50
C NVA A 7 -9.73 -6.12 1.64
O NVA A 7 -9.17 -6.80 0.82
H NVA A 7 -7.54 -7.05 3.93
HA NVA A 7 -9.88 -6.64 3.74
HB2 NVA A 7 -8.52 -4.05 2.97
HB3 NVA A 7 -9.03 -4.53 4.58
HG2 NVA A 7 -10.52 -3.04 2.71
HG3 NVA A 7 -11.11 -3.72 4.23
HD3 NVA A 7 -12.52 -4.40 2.31
N CYS A 8 -10.76 -5.37 1.35
CA CYS A 8 -11.28 -5.35 -0.05
C CYS A 8 -10.57 -4.24 -0.83
N CYS A 9 -9.87 -3.39 -0.12
CA CYS A 9 -9.13 -2.28 -0.79
C CYS A 9 -8.30 -2.87 -1.92
N GLY A 10 -7.43 -3.79 -1.59
CA GLY A 10 -6.57 -4.43 -2.63
C GLY A 10 -6.15 -3.39 -3.68
N LYS A 11 -5.63 -2.27 -3.25
CA LYS A 11 -5.19 -1.22 -4.22
C LYS A 11 -3.93 -1.68 -4.97
N ARG A 12 -3.36 -0.83 -5.76
CA ARG A 12 -2.13 -1.22 -6.52
C ARG A 12 -0.93 -0.41 -6.01
N PHE A 13 0.19 -1.07 -5.81
CA PHE A 13 1.38 -0.34 -5.32
C PHE A 13 2.38 -0.13 -6.45
N SER A 14 2.95 1.05 -6.55
CA SER A 14 3.93 1.32 -7.65
C SER A 14 5.35 0.98 -7.17
N LEU A 15 5.74 1.50 -6.05
CA LEU A 15 7.11 1.20 -5.53
C LEU A 15 7.10 1.21 -4.00
N ASP A 16 8.23 1.02 -3.38
CA ASP A 16 8.29 1.02 -1.90
C ASP A 16 7.65 2.29 -1.34
N PHE A 17 8.10 3.43 -1.76
CA PHE A 17 7.49 4.70 -1.24
C PHE A 17 5.96 4.57 -1.26
N ASN A 18 5.39 4.28 -2.40
CA ASN A 18 3.92 4.14 -2.48
C ASN A 18 3.51 2.83 -1.78
N LEU A 19 4.45 1.95 -1.57
CA LEU A 19 4.13 0.66 -0.90
C LEU A 19 3.77 0.91 0.57
N LYS A 20 4.61 1.60 1.29
CA LYS A 20 4.32 1.87 2.72
C LYS A 20 3.36 3.05 2.83
N THR A 21 3.46 3.99 1.93
CA THR A 21 2.55 5.16 1.98
C THR A 21 1.11 4.67 1.86
N HIS A 22 0.92 3.46 1.41
CA HIS A 22 -0.46 2.93 1.27
C HIS A 22 -0.77 1.93 2.38
N VAL A 23 -0.14 0.78 2.36
CA VAL A 23 -0.42 -0.25 3.41
C VAL A 23 -0.48 0.42 4.79
N LYS A 24 0.15 1.55 4.95
CA LYS A 24 0.12 2.25 6.27
C LYS A 24 -1.27 2.17 6.90
N ILE A 25 -2.32 2.22 6.11
CA ILE A 25 -3.69 2.12 6.69
C ILE A 25 -3.93 0.71 7.23
N HIS A 26 -3.86 -0.26 6.37
CA HIS A 26 -4.06 -1.67 6.84
C HIS A 26 -3.18 -1.89 8.07
N THR A 27 -2.13 -1.14 8.19
CA THR A 27 -1.24 -1.29 9.37
C THR A 27 -1.59 -0.21 10.40
N GLY A 28 -2.26 0.83 9.98
CA GLY A 28 -2.63 1.92 10.94
C GLY A 28 -1.35 2.53 11.52
ZN ZN B . -4.82 -1.42 0.27
N PHE A 2 6.67 -1.92 -3.31
CA PHE A 2 7.29 -1.27 -2.11
C PHE A 2 7.04 -2.11 -0.85
N GLN A 3 6.20 -1.63 0.05
CA GLN A 3 5.92 -2.40 1.29
C GLN A 3 4.88 -1.64 2.13
N CYS A 4 4.08 -2.33 2.90
CA CYS A 4 3.08 -1.62 3.74
C CYS A 4 3.64 -1.41 5.14
N THR A 5 3.02 -0.55 5.91
CA THR A 5 3.50 -0.31 7.31
C THR A 5 2.42 0.39 8.11
N PHE A 6 1.19 0.00 7.91
CA PHE A 6 0.07 0.64 8.65
C PHE A 6 -0.81 -0.40 9.33
N NVA A 7 -1.36 -0.06 10.46
CA NVA A 7 -2.26 -1.01 11.18
CB NVA A 7 -3.50 -1.07 10.32
CG NVA A 7 -4.50 -2.00 11.02
CD NVA A 7 -4.00 -3.45 10.96
C NVA A 7 -1.67 -2.41 11.25
O NVA A 7 -0.47 -2.60 11.26
H NVA A 7 -1.20 0.83 10.83
HA NVA A 7 -2.49 -0.64 12.17
HB2 NVA A 7 -3.25 -1.48 9.35
HB3 NVA A 7 -3.92 -0.09 10.22
HG2 NVA A 7 -5.46 -1.94 10.51
HG3 NVA A 7 -4.62 -1.70 12.04
HD3 NVA A 7 -4.72 -4.10 11.44
N CYS A 8 -2.52 -3.40 11.29
CA CYS A 8 -2.00 -4.80 11.33
C CYS A 8 -1.96 -5.36 9.91
N CYS A 9 -2.32 -4.57 8.93
CA CYS A 9 -2.29 -5.03 7.53
C CYS A 9 -0.84 -5.25 7.11
N GLY A 10 -0.06 -4.22 7.16
CA GLY A 10 1.38 -4.35 6.78
C GLY A 10 1.52 -5.28 5.57
N LYS A 11 0.72 -5.06 4.55
CA LYS A 11 0.81 -5.93 3.35
C LYS A 11 2.11 -5.64 2.57
N ARG A 12 2.25 -6.21 1.41
CA ARG A 12 3.49 -5.96 0.62
C ARG A 12 3.15 -5.22 -0.68
N PHE A 13 3.93 -4.25 -1.04
CA PHE A 13 3.66 -3.49 -2.30
C PHE A 13 4.63 -3.94 -3.39
N SER A 14 4.16 -4.06 -4.60
CA SER A 14 5.06 -4.50 -5.71
C SER A 14 5.53 -3.29 -6.52
N LEU A 15 4.68 -2.33 -6.71
CA LEU A 15 5.08 -1.12 -7.49
C LEU A 15 4.18 0.06 -7.15
N ASP A 16 4.48 1.22 -7.68
CA ASP A 16 3.65 2.42 -7.37
C ASP A 16 2.17 2.10 -7.61
N PHE A 17 1.82 1.59 -8.76
CA PHE A 17 0.40 1.26 -9.02
C PHE A 17 -0.16 0.49 -7.83
N ASN A 18 0.43 -0.62 -7.50
CA ASN A 18 -0.07 -1.41 -6.34
C ASN A 18 0.26 -0.67 -5.04
N LEU A 19 1.16 0.28 -5.11
CA LEU A 19 1.53 1.06 -3.90
C LEU A 19 0.36 1.95 -3.47
N LYS A 20 -0.16 2.74 -4.37
CA LYS A 20 -1.29 3.63 -4.01
C LYS A 20 -2.60 2.85 -4.06
N THR A 21 -2.72 1.95 -5.00
CA THR A 21 -3.97 1.14 -5.08
C THR A 21 -4.19 0.41 -3.76
N HIS A 22 -3.15 0.29 -2.97
CA HIS A 22 -3.30 -0.41 -1.66
C HIS A 22 -3.40 0.61 -0.52
N VAL A 23 -2.33 1.29 -0.21
CA VAL A 23 -2.40 2.28 0.90
C VAL A 23 -3.69 3.10 0.81
N LYS A 24 -4.26 3.22 -0.35
CA LYS A 24 -5.52 4.00 -0.52
C LYS A 24 -6.48 3.69 0.65
N ILE A 25 -6.39 2.53 1.23
CA ILE A 25 -7.31 2.21 2.38
C ILE A 25 -6.82 2.95 3.62
N HIS A 26 -5.63 2.67 4.05
CA HIS A 26 -5.10 3.37 5.25
C HIS A 26 -5.30 4.87 5.06
N THR A 27 -5.39 5.30 3.84
CA THR A 27 -5.61 6.72 3.55
C THR A 27 -7.09 6.96 3.24
N GLY A 28 -7.80 5.92 2.88
CA GLY A 28 -9.25 6.07 2.55
C GLY A 28 -10.08 5.42 3.64
ZN ZN B . -1.62 -2.11 4.08
N PHE A 2 5.51 3.08 -4.23
CA PHE A 2 6.29 3.18 -2.96
C PHE A 2 6.67 1.78 -2.45
N GLN A 3 6.05 1.31 -1.40
CA GLN A 3 6.37 -0.03 -0.85
C GLN A 3 5.48 -0.34 0.34
N CYS A 4 5.21 -1.59 0.61
CA CYS A 4 4.35 -1.93 1.78
C CYS A 4 5.22 -2.25 2.99
N THR A 5 4.64 -2.24 4.16
CA THR A 5 5.43 -2.56 5.39
C THR A 5 4.47 -2.91 6.53
N PHE A 6 3.40 -3.55 6.22
CA PHE A 6 2.41 -3.92 7.26
C PHE A 6 2.09 -5.41 7.20
N NVA A 7 1.92 -6.04 8.34
CA NVA A 7 1.57 -7.48 8.36
CB NVA A 7 0.19 -7.55 7.69
CG NVA A 7 -0.21 -9.01 7.38
CD NVA A 7 0.91 -9.99 7.75
C NVA A 7 2.55 -8.28 7.50
O NVA A 7 3.64 -7.85 7.21
H NVA A 7 2.00 -5.54 9.18
HA NVA A 7 1.53 -7.86 9.35
HB2 NVA A 7 0.22 -6.98 6.77
HB3 NVA A 7 -0.54 -7.10 8.35
HG2 NVA A 7 -0.43 -9.09 6.33
HG3 NVA A 7 -1.09 -9.25 7.94
HD3 NVA A 7 0.59 -11.00 7.50
N CYS A 8 2.14 -9.45 7.09
CA CYS A 8 3.01 -10.29 6.24
C CYS A 8 2.78 -9.89 4.77
N CYS A 9 1.78 -9.10 4.52
CA CYS A 9 1.50 -8.66 3.13
C CYS A 9 2.76 -8.03 2.54
N GLY A 10 3.21 -6.97 3.16
CA GLY A 10 4.44 -6.28 2.66
C GLY A 10 4.45 -6.28 1.12
N LYS A 11 3.39 -5.86 0.51
CA LYS A 11 3.34 -5.83 -0.98
C LYS A 11 4.21 -4.69 -1.53
N ARG A 12 4.16 -4.46 -2.81
CA ARG A 12 4.98 -3.36 -3.39
C ARG A 12 4.07 -2.26 -3.94
N PHE A 13 4.39 -1.02 -3.69
CA PHE A 13 3.55 0.09 -4.19
C PHE A 13 4.22 0.76 -5.40
N SER A 14 3.46 1.10 -6.40
CA SER A 14 4.05 1.75 -7.60
C SER A 14 3.97 3.27 -7.46
N LEU A 15 2.82 3.79 -7.17
CA LEU A 15 2.67 5.27 -7.02
C LEU A 15 1.62 5.59 -5.96
N ASP A 16 1.40 6.84 -5.69
CA ASP A 16 0.39 7.22 -4.66
C ASP A 16 -0.94 6.51 -4.92
N PHE A 17 -1.44 6.60 -6.13
CA PHE A 17 -2.73 5.91 -6.43
C PHE A 17 -2.67 4.46 -5.91
N ASN A 18 -1.72 3.70 -6.36
CA ASN A 18 -1.60 2.30 -5.87
C ASN A 18 -1.10 2.30 -4.42
N LEU A 19 -0.62 3.42 -3.97
CA LEU A 19 -0.12 3.50 -2.56
C LEU A 19 -1.30 3.47 -1.58
N LYS A 20 -2.27 4.31 -1.79
CA LYS A 20 -3.45 4.33 -0.88
C LYS A 20 -4.44 3.23 -1.27
N THR A 21 -4.56 2.98 -2.55
CA THR A 21 -5.49 1.92 -3.00
C THR A 21 -5.07 0.59 -2.36
N HIS A 22 -3.87 0.51 -1.87
CA HIS A 22 -3.39 -0.75 -1.23
C HIS A 22 -3.42 -0.63 0.29
N VAL A 23 -2.55 0.16 0.86
CA VAL A 23 -2.53 0.31 2.34
C VAL A 23 -3.97 0.44 2.88
N LYS A 24 -4.88 0.88 2.07
CA LYS A 24 -6.29 1.04 2.56
C LYS A 24 -6.72 -0.16 3.40
N ILE A 25 -6.23 -1.34 3.09
CA ILE A 25 -6.62 -2.53 3.90
C ILE A 25 -5.98 -2.43 5.28
N HIS A 26 -4.68 -2.38 5.34
CA HIS A 26 -4.00 -2.25 6.66
C HIS A 26 -4.68 -1.14 7.45
N THR A 27 -5.29 -0.21 6.76
CA THR A 27 -5.98 0.89 7.45
C THR A 27 -7.48 0.58 7.53
N GLY A 28 -7.95 -0.30 6.67
CA GLY A 28 -9.40 -0.64 6.69
C GLY A 28 -9.69 -1.70 5.62
ZN ZN B . 0.35 -4.36 2.15
N PHE A 2 5.53 -4.97 -2.43
CA PHE A 2 5.40 -4.27 -3.73
C PHE A 2 5.90 -2.82 -3.62
N GLN A 3 5.02 -1.86 -3.71
CA GLN A 3 5.45 -0.43 -3.60
C GLN A 3 4.23 0.49 -3.69
N CYS A 4 4.27 1.65 -3.09
CA CYS A 4 3.10 2.56 -3.17
C CYS A 4 3.29 3.57 -4.31
N THR A 5 2.22 4.16 -4.76
CA THR A 5 2.34 5.17 -5.87
C THR A 5 1.12 6.07 -5.85
N PHE A 6 0.63 6.38 -4.68
CA PHE A 6 -0.57 7.26 -4.57
C PHE A 6 -0.30 8.44 -3.64
N NVA A 7 -0.80 9.60 -3.97
CA NVA A 7 -0.60 10.77 -3.09
CB NVA A 7 -1.34 10.41 -1.81
CG NVA A 7 -1.04 11.43 -0.68
CD NVA A 7 0.02 12.46 -1.12
C NVA A 7 0.87 10.97 -2.76
O NVA A 7 1.75 10.49 -3.45
H NVA A 7 -1.33 9.68 -4.79
HA NVA A 7 -1.02 11.65 -3.52
HB2 NVA A 7 -1.02 9.43 -1.47
HB3 NVA A 7 -2.40 10.38 -1.99
HG2 NVA A 7 -0.69 10.91 0.19
HG3 NVA A 7 -1.96 11.96 -0.44
HD3 NVA A 7 0.22 13.14 -0.30
N CYS A 8 1.14 11.64 -1.67
CA CYS A 8 2.56 11.85 -1.25
C CYS A 8 2.98 10.69 -0.37
N CYS A 9 2.04 9.88 0.05
CA CYS A 9 2.36 8.72 0.91
C CYS A 9 3.46 7.90 0.24
N GLY A 10 3.20 7.43 -0.94
CA GLY A 10 4.21 6.62 -1.68
C GLY A 10 4.97 5.70 -0.71
N LYS A 11 4.25 4.98 0.12
CA LYS A 11 4.93 4.06 1.08
C LYS A 11 5.52 2.87 0.35
N ARG A 12 6.02 1.91 1.08
CA ARG A 12 6.62 0.71 0.43
C ARG A 12 5.82 -0.55 0.78
N PHE A 13 5.56 -1.40 -0.18
CA PHE A 13 4.80 -2.64 0.12
C PHE A 13 5.73 -3.85 0.13
N SER A 14 5.42 -4.85 0.90
CA SER A 14 6.29 -6.05 0.96
C SER A 14 5.61 -7.25 0.29
N LEU A 15 4.33 -7.41 0.50
CA LEU A 15 3.62 -8.56 -0.13
C LEU A 15 2.15 -8.22 -0.37
N ASP A 16 1.44 -9.06 -1.07
CA ASP A 16 0.01 -8.79 -1.35
C ASP A 16 -0.72 -8.44 -0.05
N PHE A 17 -0.58 -9.24 0.97
CA PHE A 17 -1.27 -8.93 2.24
C PHE A 17 -0.98 -7.48 2.64
N ASN A 18 0.27 -7.13 2.74
CA ASN A 18 0.63 -5.73 3.10
C ASN A 18 0.33 -4.82 1.91
N LEU A 19 0.14 -5.39 0.75
CA LEU A 19 -0.17 -4.57 -0.45
C LEU A 19 -1.57 -3.99 -0.34
N LYS A 20 -2.55 -4.82 -0.13
CA LYS A 20 -3.95 -4.31 0.00
C LYS A 20 -4.15 -3.71 1.39
N THR A 21 -3.50 -4.27 2.38
CA THR A 21 -3.64 -3.74 3.75
C THR A 21 -3.19 -2.28 3.78
N HIS A 22 -2.45 -1.87 2.78
CA HIS A 22 -1.99 -0.45 2.73
C HIS A 22 -2.82 0.36 1.75
N VAL A 23 -2.69 0.10 0.48
CA VAL A 23 -3.47 0.88 -0.52
C VAL A 23 -4.93 1.04 -0.05
N LYS A 24 -5.39 0.16 0.80
CA LYS A 24 -6.79 0.26 1.30
C LYS A 24 -7.14 1.70 1.67
N ILE A 25 -6.16 2.52 1.97
CA ILE A 25 -6.46 3.94 2.32
C ILE A 25 -6.69 4.73 1.04
N HIS A 26 -5.74 4.72 0.16
CA HIS A 26 -5.91 5.46 -1.12
C HIS A 26 -7.21 4.99 -1.78
N THR A 27 -7.65 3.82 -1.42
CA THR A 27 -8.92 3.30 -1.99
C THR A 27 -10.00 3.31 -0.91
N GLY A 28 -9.63 3.52 0.32
CA GLY A 28 -10.64 3.55 1.42
C GLY A 28 -10.93 5.01 1.81
ZN ZN B . 0.52 4.62 0.16
N PHE A 2 4.91 -2.19 -5.75
CA PHE A 2 5.06 -0.95 -4.92
C PHE A 2 4.43 0.24 -5.65
N GLN A 3 3.12 0.30 -5.67
CA GLN A 3 2.41 1.43 -6.33
C GLN A 3 0.90 1.25 -6.16
N CYS A 4 0.27 2.01 -5.30
CA CYS A 4 -1.21 1.83 -5.13
C CYS A 4 -2.00 2.81 -6.01
N THR A 5 -3.16 2.40 -6.42
CA THR A 5 -4.02 3.27 -7.26
C THR A 5 -5.44 2.71 -7.29
N PHE A 6 -5.92 2.25 -6.17
CA PHE A 6 -7.28 1.66 -6.10
C PHE A 6 -8.23 2.55 -5.31
N NVA A 7 -9.47 2.58 -5.70
CA NVA A 7 -10.46 3.41 -4.95
CB NVA A 7 -10.56 2.75 -3.59
CG NVA A 7 -11.50 3.57 -2.72
CD NVA A 7 -10.83 4.92 -2.39
C NVA A 7 -9.96 4.84 -4.77
O NVA A 7 -9.17 5.34 -5.54
H NVA A 7 -9.76 2.06 -6.47
HA NVA A 7 -11.42 3.40 -5.44
HB2 NVA A 7 -9.58 2.72 -3.14
HB3 NVA A 7 -10.94 1.75 -3.70
HG2 NVA A 7 -11.70 3.04 -1.80
HG3 NVA A 7 -12.42 3.74 -3.25
HD3 NVA A 7 -10.05 4.77 -1.66
N CYS A 8 -10.39 5.49 -3.72
CA CYS A 8 -9.90 6.88 -3.48
C CYS A 8 -8.57 6.82 -2.75
N CYS A 9 -8.07 5.63 -2.51
CA CYS A 9 -6.77 5.49 -1.80
C CYS A 9 -5.62 5.73 -2.77
N GLY A 10 -5.38 4.79 -3.65
CA GLY A 10 -4.28 4.95 -4.65
C GLY A 10 -3.12 5.74 -4.04
N LYS A 11 -2.54 5.25 -2.97
CA LYS A 11 -1.42 5.98 -2.32
C LYS A 11 -0.08 5.57 -2.94
N ARG A 12 1.00 6.11 -2.46
CA ARG A 12 2.33 5.75 -3.02
C ARG A 12 2.92 4.57 -2.24
N PHE A 13 3.62 3.70 -2.93
CA PHE A 13 4.22 2.52 -2.25
C PHE A 13 5.75 2.63 -2.22
N SER A 14 6.33 2.63 -1.05
CA SER A 14 7.82 2.74 -0.96
C SER A 14 8.46 1.36 -1.09
N LEU A 15 8.23 0.50 -0.14
CA LEU A 15 8.82 -0.87 -0.20
C LEU A 15 7.86 -1.89 0.41
N ASP A 16 8.17 -3.15 0.29
CA ASP A 16 7.28 -4.20 0.85
C ASP A 16 6.72 -3.77 2.21
N PHE A 17 7.53 -3.20 3.05
CA PHE A 17 7.03 -2.76 4.38
C PHE A 17 5.76 -1.91 4.21
N ASN A 18 5.89 -0.77 3.59
CA ASN A 18 4.68 0.09 3.39
C ASN A 18 3.77 -0.54 2.33
N LEU A 19 4.34 -1.19 1.36
CA LEU A 19 3.52 -1.83 0.30
C LEU A 19 2.67 -2.95 0.89
N LYS A 20 3.18 -3.66 1.85
CA LYS A 20 2.39 -4.77 2.47
C LYS A 20 1.55 -4.24 3.63
N THR A 21 2.15 -3.53 4.54
CA THR A 21 1.38 -2.98 5.69
C THR A 21 0.24 -2.10 5.17
N HIS A 22 0.35 -1.64 3.94
CA HIS A 22 -0.73 -0.78 3.37
C HIS A 22 -1.77 -1.63 2.64
N VAL A 23 -1.37 -2.28 1.58
CA VAL A 23 -2.36 -3.10 0.81
C VAL A 23 -3.23 -3.91 1.78
N LYS A 24 -2.73 -4.18 2.96
CA LYS A 24 -3.53 -4.96 3.95
C LYS A 24 -4.99 -4.51 3.96
N ILE A 25 -5.26 -3.30 3.57
CA ILE A 25 -6.69 -2.83 3.55
C ILE A 25 -7.39 -3.39 2.33
N HIS A 26 -6.91 -3.07 1.17
CA HIS A 26 -7.55 -3.62 -0.08
C HIS A 26 -7.65 -5.13 0.07
N THR A 27 -6.82 -5.70 0.90
CA THR A 27 -6.86 -7.17 1.12
C THR A 27 -7.57 -7.46 2.45
N GLY A 28 -7.68 -6.46 3.30
CA GLY A 28 -8.36 -6.69 4.61
C GLY A 28 -9.52 -5.70 4.76
ZN ZN B . -4.03 1.83 -1.24
N PHE A 2 4.59 -3.62 4.82
CA PHE A 2 4.68 -2.26 5.41
C PHE A 2 3.35 -1.87 6.07
N GLN A 3 2.63 -0.94 5.51
CA GLN A 3 1.33 -0.51 6.11
C GLN A 3 0.69 0.57 5.23
N CYS A 4 -0.61 0.67 5.22
CA CYS A 4 -1.26 1.72 4.39
C CYS A 4 -1.55 2.96 5.23
N THR A 5 -1.75 4.08 4.61
CA THR A 5 -2.05 5.32 5.36
C THR A 5 -2.74 6.32 4.45
N PHE A 6 -3.57 5.84 3.56
CA PHE A 6 -4.28 6.74 2.63
C PHE A 6 -5.79 6.48 2.66
N NVA A 7 -6.57 7.51 2.48
CA NVA A 7 -8.05 7.32 2.46
CB NVA A 7 -8.32 6.53 1.18
CG NVA A 7 -9.79 6.06 1.12
CD NVA A 7 -10.55 6.37 2.43
C NVA A 7 -8.51 6.48 3.65
O NVA A 7 -7.83 6.35 4.65
H NVA A 7 -6.20 8.40 2.33
HA NVA A 7 -8.56 8.26 2.44
HB2 NVA A 7 -7.68 5.67 1.16
HB3 NVA A 7 -8.11 7.15 0.34
HG2 NVA A 7 -9.81 5.00 0.96
HG3 NVA A 7 -10.29 6.55 0.30
HD3 NVA A 7 -11.55 5.99 2.37
N CYS A 8 -9.65 5.87 3.52
CA CYS A 8 -10.17 5.00 4.61
C CYS A 8 -9.65 3.58 4.38
N CYS A 9 -9.08 3.33 3.23
CA CYS A 9 -8.53 1.98 2.93
C CYS A 9 -7.59 1.57 4.05
N GLY A 10 -6.57 2.34 4.28
CA GLY A 10 -5.60 2.02 5.37
C GLY A 10 -5.37 0.51 5.43
N LYS A 11 -5.09 -0.11 4.31
CA LYS A 11 -4.86 -1.58 4.30
C LYS A 11 -3.50 -1.91 4.92
N ARG A 12 -3.11 -3.15 4.88
CA ARG A 12 -1.79 -3.55 5.46
C ARG A 12 -0.83 -3.99 4.35
N PHE A 13 0.43 -3.64 4.46
CA PHE A 13 1.41 -4.05 3.42
C PHE A 13 2.36 -5.10 3.97
N SER A 14 2.80 -6.01 3.15
CA SER A 14 3.74 -7.06 3.63
C SER A 14 5.18 -6.71 3.22
N LEU A 15 5.42 -6.51 1.95
CA LEU A 15 6.80 -6.17 1.50
C LEU A 15 6.74 -5.12 0.39
N ASP A 16 7.87 -4.68 -0.08
CA ASP A 16 7.88 -3.65 -1.15
C ASP A 16 6.99 -4.09 -2.32
N PHE A 17 7.22 -5.24 -2.88
CA PHE A 17 6.37 -5.71 -4.00
C PHE A 17 4.90 -5.49 -3.64
N ASN A 18 4.47 -6.04 -2.53
CA ASN A 18 3.05 -5.85 -2.12
C ASN A 18 2.84 -4.40 -1.65
N LEU A 19 3.92 -3.71 -1.38
CA LEU A 19 3.80 -2.29 -0.94
C LEU A 19 3.29 -1.42 -2.09
N LYS A 20 3.95 -1.46 -3.21
CA LYS A 20 3.50 -0.63 -4.37
C LYS A 20 2.34 -1.34 -5.07
N THR A 21 2.32 -2.64 -5.05
CA THR A 21 1.20 -3.38 -5.69
C THR A 21 -0.12 -2.93 -5.07
N HIS A 22 -0.05 -2.31 -3.92
CA HIS A 22 -1.30 -1.84 -3.26
C HIS A 22 -1.41 -0.32 -3.33
N VAL A 23 -0.60 0.38 -2.58
CA VAL A 23 -0.67 1.87 -2.60
C VAL A 23 -0.76 2.40 -4.03
N LYS A 24 -0.35 1.61 -5.00
CA LYS A 24 -0.42 2.07 -6.42
C LYS A 24 -1.79 2.69 -6.73
N ILE A 25 -2.80 2.39 -5.96
CA ILE A 25 -4.14 2.99 -6.23
C ILE A 25 -4.16 4.42 -5.70
N HIS A 26 -3.87 4.59 -4.43
CA HIS A 26 -3.85 5.96 -3.85
C HIS A 26 -2.95 6.84 -4.72
N THR A 27 -2.03 6.23 -5.42
CA THR A 27 -1.13 7.02 -6.30
C THR A 27 -1.50 6.75 -7.76
N GLY A 28 -2.32 5.77 -8.01
CA GLY A 28 -2.72 5.47 -9.41
C GLY A 28 -4.20 5.12 -9.45
ZN ZN B . -4.45 1.47 0.96
N PHE A 2 -2.58 -6.03 2.10
CA PHE A 2 -3.93 -5.43 1.82
C PHE A 2 -4.32 -4.50 2.98
N GLN A 3 -3.40 -3.67 3.42
CA GLN A 3 -3.69 -2.72 4.53
C GLN A 3 -2.43 -1.88 4.80
N CYS A 4 -2.45 -0.61 4.47
CA CYS A 4 -1.23 0.22 4.72
C CYS A 4 -1.00 0.39 6.23
N THR A 5 0.17 0.82 6.59
CA THR A 5 0.50 1.03 8.03
C THR A 5 1.85 1.72 8.14
N PHE A 6 2.14 2.57 7.19
CA PHE A 6 3.45 3.29 7.20
C PHE A 6 3.23 4.79 7.13
N NVA A 7 4.12 5.55 7.71
CA NVA A 7 3.99 7.04 7.65
CB NVA A 7 4.33 7.38 6.21
CG NVA A 7 3.90 8.83 5.86
CD NVA A 7 3.34 9.56 7.08
C NVA A 7 2.56 7.47 7.93
O NVA A 7 1.75 6.72 8.44
H NVA A 7 4.89 5.15 8.18
HA NVA A 7 4.68 7.51 8.32
HB2 NVA A 7 3.82 6.70 5.54
HB3 NVA A 7 5.40 7.28 6.05
HG2 NVA A 7 3.15 8.79 5.08
HG3 NVA A 7 4.77 9.37 5.49
HD3 NVA A 7 3.09 10.57 6.81
N CYS A 8 2.24 8.68 7.57
CA CYS A 8 0.85 9.17 7.78
C CYS A 8 -0.03 8.68 6.63
N CYS A 9 0.58 8.11 5.62
CA CYS A 9 -0.21 7.59 4.47
C CYS A 9 -1.22 6.56 4.97
N GLY A 10 -0.72 5.48 5.52
CA GLY A 10 -1.63 4.42 6.04
C GLY A 10 -2.89 4.29 5.16
N LYS A 11 -2.71 4.11 3.89
CA LYS A 11 -3.89 3.97 2.99
C LYS A 11 -4.51 2.58 3.11
N ARG A 12 -5.50 2.29 2.32
CA ARG A 12 -6.14 0.94 2.39
C ARG A 12 -5.81 0.12 1.15
N PHE A 13 -5.09 -0.96 1.30
CA PHE A 13 -4.74 -1.80 0.12
C PHE A 13 -5.85 -2.82 -0.15
N SER A 14 -6.37 -2.84 -1.33
CA SER A 14 -7.46 -3.82 -1.65
C SER A 14 -6.87 -5.22 -1.84
N LEU A 15 -6.26 -5.46 -2.96
CA LEU A 15 -5.67 -6.82 -3.22
C LEU A 15 -4.20 -6.67 -3.62
N ASP A 16 -3.55 -7.76 -3.89
CA ASP A 16 -2.12 -7.72 -4.27
C ASP A 16 -1.87 -6.60 -5.29
N PHE A 17 -2.66 -6.54 -6.33
CA PHE A 17 -2.46 -5.48 -7.36
C PHE A 17 -2.42 -4.11 -6.69
N ASN A 18 -3.51 -3.68 -6.12
CA ASN A 18 -3.52 -2.34 -5.45
C ASN A 18 -2.73 -2.40 -4.15
N LEU A 19 -2.24 -3.56 -3.80
CA LEU A 19 -1.45 -3.69 -2.54
C LEU A 19 0.03 -3.43 -2.81
N LYS A 20 0.55 -3.95 -3.88
CA LYS A 20 2.00 -3.73 -4.19
C LYS A 20 2.16 -2.46 -5.03
N THR A 21 1.20 -2.16 -5.86
CA THR A 21 1.31 -0.93 -6.69
C THR A 21 1.37 0.30 -5.78
N HIS A 22 1.05 0.12 -4.52
CA HIS A 22 1.07 1.27 -3.57
C HIS A 22 2.26 1.17 -2.63
N VAL A 23 2.26 0.20 -1.74
CA VAL A 23 3.40 0.07 -0.79
C VAL A 23 4.73 0.33 -1.49
N LYS A 24 4.79 0.12 -2.79
CA LYS A 24 6.06 0.36 -3.53
C LYS A 24 6.74 1.66 -3.05
N ILE A 25 5.97 2.65 -2.68
CA ILE A 25 6.60 3.93 -2.22
C ILE A 25 7.32 3.69 -0.89
N HIS A 26 6.60 3.30 0.12
CA HIS A 26 7.24 3.04 1.44
C HIS A 26 8.47 2.17 1.20
N THR A 27 8.47 1.42 0.14
CA THR A 27 9.63 0.55 -0.16
C THR A 27 10.54 1.27 -1.18
N GLY A 28 10.00 2.23 -1.89
CA GLY A 28 10.83 2.97 -2.88
C GLY A 28 11.18 4.34 -2.33
ZN ZN B . 0.72 3.73 2.18
N PHE A 2 0.42 -0.61 7.40
CA PHE A 2 1.55 0.34 7.23
C PHE A 2 1.04 1.72 6.80
N GLN A 3 1.30 2.12 5.58
CA GLN A 3 0.83 3.46 5.11
C GLN A 3 1.24 3.66 3.64
N CYS A 4 0.45 4.37 2.88
CA CYS A 4 0.83 4.60 1.45
C CYS A 4 1.57 5.93 1.31
N THR A 5 2.45 6.02 0.35
CA THR A 5 3.20 7.30 0.15
C THR A 5 3.51 7.47 -1.34
N PHE A 6 2.58 7.10 -2.18
CA PHE A 6 2.80 7.23 -3.64
C PHE A 6 1.64 7.98 -4.31
N NVA A 7 1.93 8.68 -5.37
CA NVA A 7 0.84 9.42 -6.08
CB NVA A 7 0.05 8.33 -6.80
CG NVA A 7 -1.24 8.90 -7.42
CD NVA A 7 -1.46 10.38 -7.03
C NVA A 7 -0.09 10.12 -5.10
O NVA A 7 0.25 10.38 -3.97
H NVA A 7 2.84 8.71 -5.71
HA NVA A 7 1.25 10.12 -6.80
HB2 NVA A 7 -0.21 7.56 -6.09
HB3 NVA A 7 0.66 7.90 -7.57
HG2 NVA A 7 -2.09 8.31 -7.08
HG3 NVA A 7 -1.17 8.83 -8.50
HD3 NVA A 7 -2.39 10.73 -7.46
N CYS A 8 -1.29 10.40 -5.55
CA CYS A 8 -2.28 11.06 -4.65
C CYS A 8 -3.06 9.97 -3.90
N CYS A 9 -2.91 8.74 -4.33
CA CYS A 9 -3.62 7.63 -3.65
C CYS A 9 -3.34 7.71 -2.16
N GLY A 10 -2.09 7.64 -1.79
CA GLY A 10 -1.73 7.71 -0.34
C GLY A 10 -2.75 6.95 0.50
N LYS A 11 -3.05 5.72 0.15
CA LYS A 11 -4.04 4.94 0.93
C LYS A 11 -3.45 4.52 2.28
N ARG A 12 -4.16 3.72 3.02
CA ARG A 12 -3.63 3.27 4.34
C ARG A 12 -3.36 1.76 4.32
N PHE A 13 -2.22 1.36 4.82
CA PHE A 13 -1.89 -0.09 4.82
C PHE A 13 -2.11 -0.67 6.22
N SER A 14 -2.27 -1.96 6.32
CA SER A 14 -2.48 -2.58 7.66
C SER A 14 -1.34 -3.55 7.98
N LEU A 15 -1.03 -4.45 7.08
CA LEU A 15 0.07 -5.42 7.33
C LEU A 15 0.87 -5.65 6.06
N ASP A 16 1.96 -6.38 6.16
CA ASP A 16 2.79 -6.65 4.95
C ASP A 16 1.92 -7.21 3.82
N PHE A 17 1.20 -8.25 4.07
CA PHE A 17 0.33 -8.82 2.99
C PHE A 17 -0.45 -7.68 2.33
N ASN A 18 -1.17 -6.92 3.10
CA ASN A 18 -1.93 -5.78 2.51
C ASN A 18 -0.96 -4.69 2.08
N LEU A 19 0.24 -4.74 2.58
CA LEU A 19 1.26 -3.72 2.21
C LEU A 19 1.65 -3.88 0.74
N LYS A 20 2.08 -5.04 0.35
CA LYS A 20 2.47 -5.26 -1.07
C LYS A 20 1.22 -5.44 -1.92
N THR A 21 0.18 -5.99 -1.36
CA THR A 21 -1.07 -6.18 -2.13
C THR A 21 -1.58 -4.82 -2.59
N HIS A 22 -1.11 -3.76 -1.97
CA HIS A 22 -1.55 -2.40 -2.39
C HIS A 22 -0.46 -1.70 -3.20
N VAL A 23 0.62 -1.34 -2.58
CA VAL A 23 1.70 -0.64 -3.34
C VAL A 23 1.94 -1.33 -4.68
N LYS A 24 1.59 -2.58 -4.80
CA LYS A 24 1.80 -3.30 -6.09
C LYS A 24 1.42 -2.42 -7.27
N ILE A 25 0.39 -1.63 -7.16
CA ILE A 25 0.01 -0.74 -8.30
C ILE A 25 1.09 0.31 -8.52
N HIS A 26 1.36 1.10 -7.53
CA HIS A 26 2.43 2.13 -7.69
C HIS A 26 3.67 1.47 -8.26
N THR A 27 3.80 0.19 -8.04
CA THR A 27 4.96 -0.55 -8.59
C THR A 27 4.57 -1.25 -9.89
N GLY A 28 3.29 -1.45 -10.10
CA GLY A 28 2.84 -2.13 -11.34
C GLY A 28 2.64 -1.10 -12.45
ZN ZN B . -1.42 3.81 -2.58
N PHE A 2 -4.40 3.30 -5.27
CA PHE A 2 -4.51 4.37 -4.25
C PHE A 2 -3.17 5.11 -4.09
N GLN A 3 -2.48 4.89 -3.00
CA GLN A 3 -1.18 5.58 -2.80
C GLN A 3 -0.56 5.12 -1.46
N CYS A 4 0.74 5.11 -1.36
CA CYS A 4 1.37 4.69 -0.08
C CYS A 4 1.70 5.91 0.78
N THR A 5 1.71 5.75 2.08
CA THR A 5 2.02 6.90 2.98
C THR A 5 2.70 6.38 4.24
N PHE A 6 3.52 5.38 4.10
CA PHE A 6 4.21 4.81 5.29
C PHE A 6 5.72 4.75 5.06
N NVA A 7 6.49 4.91 6.10
CA NVA A 7 7.97 4.82 5.96
CB NVA A 7 8.24 3.33 5.71
CG NVA A 7 9.71 3.10 5.31
CD NVA A 7 10.48 4.43 5.16
C NVA A 7 8.45 5.60 4.76
O NVA A 7 7.79 6.48 4.25
H NVA A 7 6.09 5.07 6.99
HA NVA A 7 8.47 5.14 6.86
HB2 NVA A 7 7.60 3.00 4.91
HB3 NVA A 7 8.01 2.78 6.61
HG2 NVA A 7 9.74 2.56 4.38
HG3 NVA A 7 10.18 2.51 6.08
HD3 NVA A 7 11.50 4.23 4.86
N CYS A 8 9.62 5.27 4.27
CA CYS A 8 10.16 5.95 3.07
C CYS A 8 9.67 5.22 1.82
N CYS A 9 9.11 4.06 2.00
CA CYS A 9 8.58 3.29 0.85
C CYS A 9 7.67 4.18 0.02
N GLY A 10 6.63 4.68 0.64
CA GLY A 10 5.68 5.58 -0.09
C GLY A 10 5.50 5.10 -1.54
N LYS A 11 5.20 3.84 -1.72
CA LYS A 11 4.99 3.32 -3.11
C LYS A 11 3.65 3.79 -3.67
N ARG A 12 3.30 3.33 -4.84
CA ARG A 12 1.99 3.76 -5.44
C ARG A 12 1.01 2.58 -5.43
N PHE A 13 -0.25 2.85 -5.16
CA PHE A 13 -1.25 1.75 -5.14
C PHE A 13 -2.19 1.86 -6.34
N SER A 14 -2.61 0.74 -6.88
CA SER A 14 -3.52 0.79 -8.05
C SER A 14 -4.98 0.70 -7.58
N LEU A 15 -5.36 -0.44 -7.05
CA LEU A 15 -6.77 -0.59 -6.56
C LEU A 15 -6.76 -1.24 -5.17
N ASP A 16 -7.92 -1.49 -4.62
CA ASP A 16 -7.98 -2.11 -3.26
C ASP A 16 -7.14 -3.38 -3.22
N PHE A 17 -7.37 -4.31 -4.11
CA PHE A 17 -6.57 -5.56 -4.10
C PHE A 17 -5.08 -5.21 -3.97
N ASN A 18 -4.59 -4.40 -4.87
CA ASN A 18 -3.15 -4.01 -4.78
C ASN A 18 -2.94 -3.04 -3.62
N LEU A 19 -4.02 -2.53 -3.08
CA LEU A 19 -3.90 -1.58 -1.93
C LEU A 19 -3.46 -2.33 -0.68
N LYS A 20 -4.13 -3.40 -0.35
CA LYS A 20 -3.77 -4.18 0.86
C LYS A 20 -2.52 -5.04 0.58
N THR A 21 -2.50 -5.73 -0.52
CA THR A 21 -1.32 -6.57 -0.84
C THR A 21 -0.04 -5.79 -0.57
N HIS A 22 -0.09 -4.49 -0.72
CA HIS A 22 1.14 -3.67 -0.46
C HIS A 22 1.20 -3.23 1.00
N VAL A 23 0.35 -2.32 1.40
CA VAL A 23 0.39 -1.85 2.81
C VAL A 23 0.57 -3.03 3.76
N LYS A 24 0.18 -4.21 3.36
CA LYS A 24 0.32 -5.40 4.24
C LYS A 24 1.67 -5.37 4.97
N ILE A 25 2.72 -4.92 4.33
CA ILE A 25 4.04 -4.88 5.02
C ILE A 25 4.00 -3.84 6.13
N HIS A 26 3.74 -2.60 5.79
CA HIS A 26 3.66 -1.55 6.85
C HIS A 26 2.77 -2.06 7.97
N THR A 27 1.88 -2.96 7.67
CA THR A 27 0.99 -3.52 8.71
C THR A 27 1.56 -4.85 9.19
N GLY A 28 2.42 -5.46 8.41
CA GLY A 28 3.00 -6.77 8.82
C GLY A 28 3.91 -6.56 10.03
ZN ZN B . 4.48 1.34 0.96
N PHE A 2 -6.55 -2.46 -3.40
CA PHE A 2 -6.78 -3.11 -2.09
C PHE A 2 -7.02 -2.06 -1.00
N GLN A 3 -6.10 -1.89 -0.08
CA GLN A 3 -6.29 -0.88 1.00
C GLN A 3 -5.05 -0.87 1.92
N CYS A 4 -4.74 0.25 2.50
CA CYS A 4 -3.55 0.29 3.40
C CYS A 4 -3.98 0.09 4.86
N THR A 5 -3.07 -0.34 5.70
CA THR A 5 -3.41 -0.55 7.13
C THR A 5 -2.15 -0.47 7.97
N PHE A 6 -1.25 0.38 7.60
CA PHE A 6 0.03 0.52 8.36
C PHE A 6 0.27 1.97 8.76
N NVA A 7 0.77 2.19 9.94
CA NVA A 7 1.06 3.57 10.38
CB NVA A 7 2.15 4.06 9.44
CG NVA A 7 2.43 5.56 9.62
CD NVA A 7 1.42 6.21 10.59
C NVA A 7 -0.16 4.48 10.21
O NVA A 7 -1.28 4.02 10.14
H NVA A 7 0.98 1.43 10.53
HA NVA A 7 1.42 3.60 11.40
HB2 NVA A 7 1.84 3.88 8.42
HB3 NVA A 7 3.06 3.50 9.62
HG2 NVA A 7 2.35 6.06 8.66
HG3 NVA A 7 3.42 5.70 10.01
HD3 NVA A 7 1.61 7.27 10.65
N CYS A 8 0.08 5.76 10.11
CA CYS A 8 -1.05 6.71 9.90
C CYS A 8 -1.28 6.88 8.40
N CYS A 9 -0.36 6.39 7.60
CA CYS A 9 -0.50 6.50 6.13
C CYS A 9 -1.87 5.95 5.73
N GLY A 10 -2.12 4.71 6.03
CA GLY A 10 -3.43 4.09 5.69
C GLY A 10 -3.89 4.58 4.30
N LYS A 11 -3.04 4.50 3.32
CA LYS A 11 -3.43 4.96 1.96
C LYS A 11 -4.43 3.98 1.32
N ARG A 12 -4.76 4.19 0.07
CA ARG A 12 -5.72 3.27 -0.60
C ARG A 12 -5.03 2.51 -1.73
N PHE A 13 -5.24 1.22 -1.81
CA PHE A 13 -4.61 0.43 -2.90
C PHE A 13 -5.62 0.12 -3.99
N SER A 14 -5.15 -0.28 -5.14
CA SER A 14 -6.09 -0.60 -6.26
C SER A 14 -5.92 -2.05 -6.70
N LEU A 15 -4.73 -2.44 -7.06
CA LEU A 15 -4.50 -3.85 -7.50
C LEU A 15 -3.20 -4.38 -6.91
N ASP A 16 -2.93 -5.63 -7.09
CA ASP A 16 -1.68 -6.22 -6.53
C ASP A 16 -0.47 -5.36 -6.93
N PHE A 17 -0.31 -5.10 -8.19
CA PHE A 17 0.84 -4.25 -8.62
C PHE A 17 0.88 -2.98 -7.78
N ASN A 18 -0.20 -2.26 -7.72
CA ASN A 18 -0.23 -1.02 -6.89
C ASN A 18 -0.29 -1.40 -5.41
N LEU A 19 -0.51 -2.66 -5.12
CA LEU A 19 -0.57 -3.12 -3.71
C LEU A 19 0.83 -3.15 -3.10
N LYS A 20 1.75 -3.80 -3.76
CA LYS A 20 3.13 -3.89 -3.22
C LYS A 20 3.86 -2.56 -3.47
N THR A 21 3.73 -2.01 -4.64
CA THR A 21 4.41 -0.72 -4.93
C THR A 21 4.19 0.24 -3.76
N HIS A 22 3.09 0.11 -3.07
CA HIS A 22 2.82 1.02 -1.91
C HIS A 22 3.33 0.42 -0.61
N VAL A 23 2.68 -0.61 -0.12
CA VAL A 23 3.14 -1.22 1.17
C VAL A 23 4.66 -1.36 1.18
N LYS A 24 5.28 -1.42 0.03
CA LYS A 24 6.77 -1.55 -0.02
C LYS A 24 7.42 -0.65 1.04
N ILE A 25 6.89 0.53 1.26
CA ILE A 25 7.51 1.43 2.29
C ILE A 25 7.33 0.80 3.67
N HIS A 26 6.11 0.61 4.08
CA HIS A 26 5.87 -0.01 5.41
C HIS A 26 6.76 -1.24 5.55
N THR A 27 7.12 -1.82 4.44
CA THR A 27 8.00 -3.01 4.48
C THR A 27 9.46 -2.57 4.24
N GLY A 28 9.65 -1.42 3.65
CA GLY A 28 11.03 -0.93 3.40
C GLY A 28 11.08 0.59 3.56
ZN ZN B . 0.31 2.95 3.41
N PHE A 2 5.10 -2.22 -5.38
CA PHE A 2 6.18 -2.00 -4.38
C PHE A 2 6.08 -3.01 -3.23
N GLN A 3 5.61 -2.59 -2.08
CA GLN A 3 5.49 -3.51 -0.93
C GLN A 3 4.88 -2.77 0.27
N CYS A 4 4.21 -3.46 1.15
CA CYS A 4 3.63 -2.76 2.33
C CYS A 4 4.57 -2.87 3.53
N THR A 5 4.59 -1.88 4.38
CA THR A 5 5.47 -1.93 5.57
C THR A 5 4.78 -1.25 6.75
N PHE A 6 3.49 -1.44 6.87
CA PHE A 6 2.75 -0.81 7.99
C PHE A 6 1.94 -1.85 8.76
N NVA A 7 1.83 -1.69 10.06
CA NVA A 7 1.04 -2.64 10.86
CB NVA A 7 -0.40 -2.39 10.43
CG NVA A 7 -1.36 -3.45 11.04
CD NVA A 7 -0.58 -4.57 11.76
C NVA A 7 1.39 -4.08 10.53
O NVA A 7 2.45 -4.38 10.01
H NVA A 7 2.27 -0.93 10.49
HA NVA A 7 1.14 -2.45 11.92
HB2 NVA A 7 -0.46 -2.44 9.35
HB3 NVA A 7 -0.71 -1.41 10.75
HG2 NVA A 7 -1.94 -3.89 10.24
HG3 NVA A 7 -2.03 -2.97 11.74
HD3 NVA A 7 -1.28 -5.31 12.13
N CYS A 8 0.48 -4.99 10.80
CA CYS A 8 0.72 -6.41 10.47
C CYS A 8 0.22 -6.69 9.05
N CYS A 9 -0.52 -5.77 8.51
CA CYS A 9 -1.03 -5.95 7.12
C CYS A 9 0.13 -6.33 6.20
N GLY A 10 1.13 -5.50 6.16
CA GLY A 10 2.33 -5.79 5.30
C GLY A 10 1.87 -6.42 3.97
N LYS A 11 0.89 -5.83 3.33
CA LYS A 11 0.42 -6.41 2.04
C LYS A 11 1.49 -6.28 0.96
N ARG A 12 1.16 -6.59 -0.26
CA ARG A 12 2.17 -6.49 -1.35
C ARG A 12 1.70 -5.47 -2.40
N PHE A 13 2.56 -4.55 -2.77
CA PHE A 13 2.16 -3.54 -3.79
C PHE A 13 2.69 -3.93 -5.17
N SER A 14 1.86 -3.86 -6.17
CA SER A 14 2.31 -4.23 -7.54
C SER A 14 2.78 -2.99 -8.31
N LEU A 15 2.23 -1.85 -7.99
CA LEU A 15 2.64 -0.60 -8.70
C LEU A 15 2.15 0.63 -7.95
N ASP A 16 2.48 1.80 -8.42
CA ASP A 16 2.02 3.04 -7.73
C ASP A 16 0.50 3.03 -7.55
N PHE A 17 -0.23 2.83 -8.60
CA PHE A 17 -1.71 2.80 -8.46
C PHE A 17 -2.10 1.94 -7.26
N ASN A 18 -1.66 0.71 -7.23
CA ASN A 18 -2.00 -0.16 -6.06
C ASN A 18 -1.15 0.27 -4.86
N LEU A 19 -0.14 1.05 -5.09
CA LEU A 19 0.73 1.52 -3.96
C LEU A 19 -0.03 2.52 -3.11
N LYS A 20 -0.63 3.52 -3.72
CA LYS A 20 -1.37 4.53 -2.92
C LYS A 20 -2.79 4.02 -2.65
N THR A 21 -3.37 3.31 -3.58
CA THR A 21 -4.73 2.77 -3.36
C THR A 21 -4.72 1.85 -2.14
N HIS A 22 -3.56 1.39 -1.76
CA HIS A 22 -3.48 0.49 -0.58
C HIS A 22 -3.07 1.27 0.68
N VAL A 23 -1.85 1.73 0.73
CA VAL A 23 -1.41 2.50 1.94
C VAL A 23 -2.49 3.50 2.36
N LYS A 24 -3.34 3.89 1.46
CA LYS A 24 -4.42 4.86 1.81
C LYS A 24 -5.09 4.48 3.14
N ILE A 25 -5.01 3.23 3.53
CA ILE A 25 -5.64 2.83 4.82
C ILE A 25 -4.70 3.21 5.96
N HIS A 26 -3.50 2.71 5.92
CA HIS A 26 -2.52 3.06 7.00
C HIS A 26 -2.46 4.58 7.11
N THR A 27 -2.84 5.28 6.07
CA THR A 27 -2.83 6.76 6.11
C THR A 27 -4.26 7.27 6.14
N GLY A 28 -5.22 6.42 5.88
CA GLY A 28 -6.64 6.86 5.90
C GLY A 28 -7.07 7.12 7.35
ZN ZN B . -0.72 -2.58 4.08
N PHE A 2 3.95 0.72 6.18
CA PHE A 2 4.56 1.92 5.54
C PHE A 2 3.49 3.02 5.34
N GLN A 3 3.08 3.26 4.12
CA GLN A 3 2.05 4.30 3.86
C GLN A 3 1.73 4.35 2.37
N CYS A 4 0.55 4.75 2.01
CA CYS A 4 0.20 4.82 0.55
C CYS A 4 0.43 6.24 0.03
N THR A 5 0.63 6.38 -1.25
CA THR A 5 0.85 7.73 -1.83
C THR A 5 0.44 7.72 -3.30
N PHE A 6 -0.60 7.00 -3.62
CA PHE A 6 -1.06 6.92 -5.03
C PHE A 6 -2.55 7.26 -5.13
N NVA A 7 -2.94 7.94 -6.17
CA NVA A 7 -4.37 8.27 -6.34
CB NVA A 7 -5.06 6.92 -6.57
CG NVA A 7 -6.59 7.06 -6.53
CD NVA A 7 -7.03 8.49 -6.17
C NVA A 7 -4.95 8.91 -5.09
O NVA A 7 -4.24 9.42 -4.25
H NVA A 7 -2.28 8.22 -6.85
HA NVA A 7 -4.52 8.90 -7.21
HB2 NVA A 7 -4.75 6.25 -5.77
HB3 NVA A 7 -4.75 6.52 -7.51
HG2 NVA A 7 -6.99 6.38 -5.79
HG3 NVA A 7 -6.99 6.80 -7.50
HD3 NVA A 7 -8.11 8.54 -6.13
N CYS A 8 -6.25 8.83 -4.95
CA CYS A 8 -6.90 9.40 -3.73
C CYS A 8 -6.94 8.32 -2.65
N CYS A 9 -6.64 7.10 -3.03
CA CYS A 9 -6.64 5.99 -2.03
C CYS A 9 -5.76 6.39 -0.85
N GLY A 10 -4.51 6.66 -1.11
CA GLY A 10 -3.58 7.06 -0.01
C GLY A 10 -3.89 6.25 1.25
N LYS A 11 -4.00 4.96 1.14
CA LYS A 11 -4.29 4.11 2.33
C LYS A 11 -3.08 4.07 3.27
N ARG A 12 -3.13 3.26 4.27
CA ARG A 12 -1.99 3.16 5.22
C ARG A 12 -1.36 1.76 5.17
N PHE A 13 -0.06 1.68 5.10
CA PHE A 13 0.59 0.34 5.05
C PHE A 13 1.17 -0.01 6.42
N SER A 14 1.03 -1.25 6.83
CA SER A 14 1.56 -1.65 8.16
C SER A 14 2.96 -2.29 8.00
N LEU A 15 3.13 -3.12 7.02
CA LEU A 15 4.45 -3.77 6.81
C LEU A 15 4.64 -4.12 5.34
N ASP A 16 5.78 -4.67 5.00
CA ASP A 16 6.04 -5.04 3.57
C ASP A 16 4.90 -5.91 3.04
N PHE A 17 4.60 -7.00 3.70
CA PHE A 17 3.50 -7.87 3.22
C PHE A 17 2.29 -7.00 2.85
N ASN A 18 1.80 -6.22 3.77
CA ASN A 18 0.64 -5.34 3.46
C ASN A 18 1.10 -4.21 2.53
N LEU A 19 2.38 -3.98 2.44
CA LEU A 19 2.91 -2.91 1.56
C LEU A 19 2.70 -3.28 0.09
N LYS A 20 3.16 -4.45 -0.30
CA LYS A 20 2.97 -4.87 -1.72
C LYS A 20 1.56 -5.41 -1.92
N THR A 21 1.02 -6.07 -0.94
CA THR A 21 -0.35 -6.61 -1.08
C THR A 21 -1.32 -5.46 -1.36
N HIS A 22 -0.91 -4.26 -1.05
CA HIS A 22 -1.80 -3.09 -1.30
C HIS A 22 -1.41 -2.38 -2.59
N VAL A 23 -0.28 -1.72 -2.61
CA VAL A 23 0.13 -1.00 -3.85
C VAL A 23 -0.12 -1.87 -5.09
N LYS A 24 -0.17 -3.17 -4.92
CA LYS A 24 -0.42 -4.05 -6.09
C LYS A 24 -1.55 -3.51 -6.96
N ILE A 25 -2.42 -2.70 -6.43
CA ILE A 25 -3.52 -2.14 -7.26
C ILE A 25 -2.98 -0.97 -8.08
N HIS A 26 -2.44 0.01 -7.41
CA HIS A 26 -1.87 1.18 -8.15
C HIS A 26 -0.90 0.65 -9.20
N THR A 27 -0.39 -0.53 -8.98
CA THR A 27 0.56 -1.12 -9.96
C THR A 27 -0.13 -2.28 -10.70
N GLY A 28 -1.27 -2.71 -10.22
CA GLY A 28 -1.99 -3.82 -10.90
C GLY A 28 -3.40 -3.37 -11.26
ZN ZN B . -3.28 2.92 -1.94
N PHE A 2 6.40 -4.26 -1.09
CA PHE A 2 6.90 -3.08 -1.86
C PHE A 2 7.09 -1.86 -0.93
N GLN A 3 6.25 -0.86 -1.07
CA GLN A 3 6.38 0.35 -0.19
C GLN A 3 5.27 1.35 -0.54
N CYS A 4 4.84 2.14 0.40
CA CYS A 4 3.78 3.15 0.09
C CYS A 4 4.42 4.50 -0.24
N THR A 5 3.67 5.39 -0.81
CA THR A 5 4.22 6.73 -1.15
C THR A 5 3.08 7.71 -1.42
N PHE A 6 2.02 7.62 -0.65
CA PHE A 6 0.86 8.51 -0.85
C PHE A 6 0.45 9.21 0.45
N NVA A 7 -0.08 10.39 0.35
CA NVA A 7 -0.54 11.11 1.57
CB NVA A 7 -1.80 10.40 2.00
CG NVA A 7 -2.36 11.11 3.22
CD NVA A 7 -1.43 10.89 4.42
C NVA A 7 0.47 11.02 2.70
O NVA A 7 1.66 10.87 2.49
H NVA A 7 -0.20 10.80 -0.54
HA NVA A 7 -0.76 12.15 1.34
HB2 NVA A 7 -1.55 9.38 2.25
HB3 NVA A 7 -2.51 10.41 1.19
HG2 NVA A 7 -3.33 10.72 3.44
HG3 NVA A 7 -2.43 12.17 3.02
HD3 NVA A 7 -2.01 10.93 5.33
N CYS A 8 -0.02 11.06 3.92
CA CYS A 8 0.92 10.94 5.07
C CYS A 8 0.97 9.47 5.52
N CYS A 9 0.25 8.62 4.83
CA CYS A 9 0.27 7.18 5.20
C CYS A 9 1.65 6.61 4.93
N GLY A 10 2.08 6.68 3.70
CA GLY A 10 3.43 6.15 3.34
C GLY A 10 3.72 4.85 4.13
N LYS A 11 2.77 3.94 4.14
CA LYS A 11 2.99 2.66 4.88
C LYS A 11 4.02 1.80 4.13
N ARG A 12 4.21 0.59 4.58
CA ARG A 12 5.19 -0.31 3.90
C ARG A 12 4.48 -1.51 3.28
N PHE A 13 4.89 -1.91 2.11
CA PHE A 13 4.23 -3.07 1.45
C PHE A 13 5.16 -4.28 1.47
N SER A 14 4.61 -5.46 1.65
CA SER A 14 5.47 -6.68 1.68
C SER A 14 5.46 -7.36 0.31
N LEU A 15 4.31 -7.62 -0.23
CA LEU A 15 4.24 -8.27 -1.57
C LEU A 15 3.06 -7.73 -2.36
N ASP A 16 2.88 -8.18 -3.57
CA ASP A 16 1.74 -7.69 -4.40
C ASP A 16 0.43 -7.81 -3.61
N PHE A 17 0.13 -8.97 -3.10
CA PHE A 17 -1.14 -9.13 -2.32
C PHE A 17 -1.27 -7.97 -1.34
N ASN A 18 -0.31 -7.81 -0.47
CA ASN A 18 -0.37 -6.68 0.50
C ASN A 18 -0.17 -5.36 -0.24
N LEU A 19 0.36 -5.41 -1.43
CA LEU A 19 0.58 -4.18 -2.22
C LEU A 19 -0.77 -3.57 -2.63
N LYS A 20 -1.59 -4.34 -3.28
CA LYS A 20 -2.91 -3.80 -3.71
C LYS A 20 -3.88 -3.81 -2.52
N THR A 21 -3.76 -4.78 -1.66
CA THR A 21 -4.67 -4.83 -0.47
C THR A 21 -4.50 -3.53 0.32
N HIS A 22 -3.42 -2.83 0.12
CA HIS A 22 -3.20 -1.56 0.87
C HIS A 22 -3.52 -0.35 -0.01
N VAL A 23 -2.72 -0.10 -1.01
CA VAL A 23 -2.99 1.08 -1.89
C VAL A 23 -4.48 1.17 -2.22
N LYS A 24 -5.18 0.07 -2.16
CA LYS A 24 -6.65 0.11 -2.47
C LYS A 24 -7.30 1.33 -1.84
N ILE A 25 -6.75 1.85 -0.78
CA ILE A 25 -7.37 3.06 -0.14
C ILE A 25 -7.01 4.30 -0.96
N HIS A 26 -5.74 4.56 -1.11
CA HIS A 26 -5.33 5.75 -1.92
C HIS A 26 -6.03 5.67 -3.27
N THR A 27 -6.41 4.48 -3.66
CA THR A 27 -7.12 4.31 -4.94
C THR A 27 -8.61 4.12 -4.69
N GLY A 28 -8.98 3.80 -3.47
CA GLY A 28 -10.43 3.61 -3.15
C GLY A 28 -10.80 2.13 -3.34
ZN ZN B . -0.44 3.89 2.10
N PHE A 2 -5.89 -4.86 1.43
CA PHE A 2 -4.95 -5.97 1.10
C PHE A 2 -3.83 -6.05 2.16
N GLN A 3 -2.62 -5.70 1.81
CA GLN A 3 -1.50 -5.77 2.79
C GLN A 3 -0.21 -5.28 2.12
N CYS A 4 0.72 -4.75 2.88
CA CYS A 4 1.99 -4.29 2.27
C CYS A 4 3.06 -5.38 2.38
N THR A 5 4.10 -5.28 1.61
CA THR A 5 5.19 -6.29 1.67
C THR A 5 6.46 -5.72 1.04
N PHE A 6 6.67 -4.45 1.22
CA PHE A 6 7.88 -3.80 0.64
C PHE A 6 8.67 -3.06 1.72
N NVA A 7 9.97 -3.10 1.64
CA NVA A 7 10.79 -2.38 2.66
CB NVA A 7 10.47 -0.91 2.42
CG NVA A 7 11.08 -0.02 3.52
CD NVA A 7 11.70 -0.86 4.65
C NVA A 7 10.38 -2.74 4.08
O NVA A 7 9.77 -3.77 4.33
H NVA A 7 10.40 -3.60 0.92
HA NVA A 7 11.84 -2.56 2.50
HB2 NVA A 7 9.39 -0.78 2.42
HB3 NVA A 7 10.86 -0.61 1.46
HG2 NVA A 7 10.30 0.60 3.95
HG3 NVA A 7 11.84 0.61 3.09
HD3 NVA A 7 12.08 -0.21 5.43
N CYS A 8 10.67 -1.87 5.01
CA CYS A 8 10.26 -2.13 6.41
C CYS A 8 8.87 -1.55 6.64
N CYS A 9 8.39 -0.77 5.71
CA CYS A 9 7.03 -0.18 5.85
C CYS A 9 6.03 -1.28 6.14
N GLY A 10 5.94 -2.24 5.25
CA GLY A 10 4.99 -3.37 5.44
C GLY A 10 3.68 -2.85 6.07
N LYS A 11 3.12 -1.81 5.52
CA LYS A 11 1.84 -1.26 6.07
C LYS A 11 0.68 -2.21 5.77
N ARG A 12 -0.51 -1.79 6.06
CA ARG A 12 -1.69 -2.66 5.80
C ARG A 12 -2.61 -2.01 4.76
N PHE A 13 -3.13 -2.78 3.84
CA PHE A 13 -4.03 -2.20 2.80
C PHE A 13 -5.48 -2.62 3.08
N SER A 14 -6.41 -1.76 2.78
CA SER A 14 -7.84 -2.10 3.02
C SER A 14 -8.52 -2.52 1.71
N LEU A 15 -8.37 -1.74 0.68
CA LEU A 15 -9.00 -2.09 -0.62
C LEU A 15 -8.11 -1.64 -1.78
N ASP A 16 -8.50 -1.93 -2.99
CA ASP A 16 -7.67 -1.52 -4.16
C ASP A 16 -7.34 -0.03 -4.10
N PHE A 17 -8.34 0.80 -3.95
CA PHE A 17 -8.06 2.27 -3.87
C PHE A 17 -6.94 2.50 -2.87
N ASN A 18 -7.09 2.03 -1.66
CA ASN A 18 -6.01 2.22 -0.65
C ASN A 18 -4.83 1.31 -1.00
N LEU A 19 -5.05 0.35 -1.85
CA LEU A 19 -3.94 -0.56 -2.25
C LEU A 19 -2.93 0.19 -3.11
N LYS A 20 -3.37 0.80 -4.17
CA LYS A 20 -2.43 1.56 -5.05
C LYS A 20 -2.10 2.90 -4.41
N THR A 21 -3.03 3.47 -3.71
CA THR A 21 -2.76 4.77 -3.05
C THR A 21 -1.60 4.62 -2.07
N HIS A 22 -1.27 3.41 -1.72
CA HIS A 22 -0.13 3.19 -0.78
C HIS A 22 1.10 2.71 -1.52
N VAL A 23 1.07 1.50 -2.04
CA VAL A 23 2.27 0.99 -2.77
C VAL A 23 2.84 2.07 -3.70
N LYS A 24 2.03 3.01 -4.10
CA LYS A 24 2.52 4.08 -5.01
C LYS A 24 3.90 4.60 -4.55
N ILE A 25 4.23 4.44 -3.30
CA ILE A 25 5.56 4.92 -2.83
C ILE A 25 6.62 3.89 -3.21
N HIS A 26 6.45 2.67 -2.77
CA HIS A 26 7.43 1.61 -3.12
C HIS A 26 7.59 1.59 -4.64
N THR A 27 6.61 2.09 -5.34
CA THR A 27 6.70 2.12 -6.82
C THR A 27 6.87 3.57 -7.29
N GLY A 28 6.69 4.51 -6.40
CA GLY A 28 6.84 5.93 -6.80
C GLY A 28 7.91 6.59 -5.94
ZN ZN B . 4.12 -0.11 2.33
N PHE A 2 3.83 1.47 6.22
CA PHE A 2 5.00 0.79 5.59
C PHE A 2 5.53 1.61 4.40
N GLN A 3 5.32 1.15 3.19
CA GLN A 3 5.80 1.90 2.00
C GLN A 3 5.39 1.17 0.72
N CYS A 4 5.12 1.88 -0.34
CA CYS A 4 4.74 1.20 -1.60
C CYS A 4 5.96 1.02 -2.50
N THR A 5 5.86 0.18 -3.50
CA THR A 5 7.01 -0.03 -4.42
C THR A 5 6.51 -0.74 -5.69
N PHE A 6 5.35 -0.37 -6.14
CA PHE A 6 4.80 -1.01 -7.37
C PHE A 6 4.38 0.03 -8.40
N NVA A 7 4.53 -0.29 -9.65
CA NVA A 7 4.12 0.64 -10.73
CB NVA A 7 2.61 0.69 -10.65
CG NVA A 7 2.09 1.61 -11.75
CD NVA A 7 2.47 3.06 -11.43
C NVA A 7 4.63 2.05 -10.48
O NVA A 7 5.66 2.26 -9.85
H NVA A 7 4.90 -1.18 -9.89
HA NVA A 7 4.44 0.29 -11.70
HB2 NVA A 7 2.31 1.08 -9.69
HB3 NVA A 7 2.21 -0.31 -10.79
HG2 NVA A 7 1.02 1.52 -11.83
HG3 NVA A 7 2.54 1.32 -12.70
HD3 NVA A 7 1.66 3.53 -10.90
N CYS A 8 3.91 3.03 -10.96
CA CYS A 8 4.34 4.44 -10.72
C CYS A 8 3.63 5.00 -9.48
N CYS A 9 2.83 4.16 -8.84
CA CYS A 9 2.11 4.62 -7.63
C CYS A 9 3.12 4.84 -6.50
N GLY A 10 3.81 3.80 -6.11
CA GLY A 10 4.82 3.93 -5.03
C GLY A 10 4.31 4.87 -3.94
N LYS A 11 3.11 4.67 -3.48
CA LYS A 11 2.55 5.56 -2.41
C LYS A 11 3.17 5.21 -1.05
N ARG A 12 2.70 5.83 0.00
CA ARG A 12 3.27 5.53 1.34
C ARG A 12 2.26 4.72 2.17
N PHE A 13 2.73 3.78 2.95
CA PHE A 13 1.82 2.96 3.78
C PHE A 13 1.94 3.35 5.25
N SER A 14 0.86 3.31 5.98
CA SER A 14 0.92 3.68 7.43
C SER A 14 1.09 2.42 8.28
N LEU A 15 0.11 1.55 8.26
CA LEU A 15 0.21 0.30 9.07
C LEU A 15 -0.27 -0.89 8.24
N ASP A 16 -0.26 -2.07 8.81
CA ASP A 16 -0.71 -3.27 8.05
C ASP A 16 -2.09 -3.02 7.43
N PHE A 17 -3.05 -2.64 8.22
CA PHE A 17 -4.41 -2.39 7.64
C PHE A 17 -4.27 -1.56 6.37
N ASN A 18 -3.69 -0.39 6.47
CA ASN A 18 -3.50 0.46 5.27
C ASN A 18 -2.49 -0.20 4.32
N LEU A 19 -1.69 -1.08 4.85
CA LEU A 19 -0.68 -1.78 4.00
C LEU A 19 -1.39 -2.65 2.96
N LYS A 20 -2.24 -3.54 3.40
CA LYS A 20 -2.96 -4.42 2.44
C LYS A 20 -4.11 -3.64 1.80
N THR A 21 -4.74 -2.79 2.55
CA THR A 21 -5.87 -2.00 1.99
C THR A 21 -5.36 -1.22 0.77
N HIS A 22 -4.07 -1.06 0.66
CA HIS A 22 -3.51 -0.32 -0.51
C HIS A 22 -2.93 -1.29 -1.54
N VAL A 23 -1.83 -1.92 -1.23
CA VAL A 23 -1.23 -2.86 -2.22
C VAL A 23 -2.33 -3.73 -2.87
N LYS A 24 -3.43 -3.91 -2.19
CA LYS A 24 -4.53 -4.74 -2.75
C LYS A 24 -4.76 -4.38 -4.23
N ILE A 25 -4.40 -3.21 -4.65
CA ILE A 25 -4.60 -2.85 -6.08
C ILE A 25 -3.51 -3.49 -6.93
N HIS A 26 -2.27 -3.19 -6.65
CA HIS A 26 -1.17 -3.81 -7.42
C HIS A 26 -1.38 -5.31 -7.42
N THR A 27 -2.09 -5.81 -6.44
CA THR A 27 -2.36 -7.26 -6.37
C THR A 27 -3.78 -7.54 -6.86
N GLY A 28 -4.62 -6.52 -6.87
CA GLY A 28 -6.02 -6.72 -7.33
C GLY A 28 -6.06 -6.79 -8.85
ZN ZN B . 0.93 1.66 -4.37
N PHE A 2 -6.34 3.81 -1.07
CA PHE A 2 -5.46 4.99 -0.84
C PHE A 2 -4.55 5.22 -2.06
N GLN A 3 -3.26 4.98 -1.90
CA GLN A 3 -2.32 5.19 -3.04
C GLN A 3 -0.90 4.80 -2.61
N CYS A 4 -0.09 4.34 -3.52
CA CYS A 4 1.30 3.96 -3.13
C CYS A 4 2.24 5.13 -3.42
N THR A 5 3.37 5.17 -2.74
CA THR A 5 4.35 6.27 -2.98
C THR A 5 5.75 5.80 -2.58
N PHE A 6 6.04 4.57 -2.82
CA PHE A 6 7.37 4.02 -2.45
C PHE A 6 8.03 3.34 -3.65
N NVA A 7 9.32 3.46 -3.77
CA NVA A 7 10.04 2.78 -4.89
CB NVA A 7 9.88 1.29 -4.61
CG NVA A 7 10.36 0.44 -5.81
CD NVA A 7 10.75 1.32 -7.00
C NVA A 7 9.37 3.09 -6.22
O NVA A 7 8.63 4.05 -6.37
H NVA A 7 9.83 3.96 -3.10
HA NVA A 7 11.08 3.05 -4.91
HB2 NVA A 7 8.83 1.08 -4.42
HB3 NVA A 7 10.45 1.04 -3.73
HG2 NVA A 7 9.56 -0.22 -6.11
HG3 NVA A 7 11.21 -0.15 -5.51
HD3 NVA A 7 11.06 0.69 -7.83
N CYS A 8 9.60 2.25 -7.20
CA CYS A 8 8.97 2.46 -8.53
C CYS A 8 7.61 1.75 -8.53
N CYS A 9 7.35 0.96 -7.53
CA CYS A 9 6.05 0.24 -7.45
C CYS A 9 4.91 1.25 -7.57
N GLY A 10 4.86 2.19 -6.67
CA GLY A 10 3.79 3.22 -6.71
C GLY A 10 2.46 2.58 -7.14
N LYS A 11 2.08 1.51 -6.49
CA LYS A 11 0.78 0.85 -6.86
C LYS A 11 -0.40 1.68 -6.37
N ARG A 12 -1.58 1.15 -6.50
CA ARG A 12 -2.79 1.91 -6.05
C ARG A 12 -3.44 1.19 -4.85
N PHE A 13 -3.86 1.94 -3.86
CA PHE A 13 -4.50 1.30 -2.68
C PHE A 13 -6.01 1.57 -2.70
N SER A 14 -6.78 0.64 -2.20
CA SER A 14 -8.26 0.83 -2.19
C SER A 14 -8.74 1.20 -0.79
N LEU A 15 -8.38 0.42 0.20
CA LEU A 15 -8.81 0.73 1.58
C LEU A 15 -7.71 0.38 2.58
N ASP A 16 -7.89 0.71 3.83
CA ASP A 16 -6.84 0.41 4.83
C ASP A 16 -6.39 -1.06 4.71
N PHE A 17 -7.30 -1.98 4.74
CA PHE A 17 -6.90 -3.40 4.60
C PHE A 17 -5.93 -3.55 3.43
N ASN A 18 -6.34 -3.14 2.27
CA ASN A 18 -5.44 -3.24 1.09
C ASN A 18 -4.30 -2.22 1.24
N LEU A 19 -4.48 -1.26 2.10
CA LEU A 19 -3.42 -0.24 2.31
C LEU A 19 -2.21 -0.88 2.99
N LYS A 20 -2.40 -1.51 4.12
CA LYS A 20 -1.26 -2.15 4.82
C LYS A 20 -0.92 -3.47 4.14
N THR A 21 -1.90 -4.15 3.62
CA THR A 21 -1.64 -5.43 2.93
C THR A 21 -0.67 -5.19 1.78
N HIS A 22 -0.53 -3.97 1.36
CA HIS A 22 0.41 -3.66 0.24
C HIS A 22 1.68 -3.01 0.78
N VAL A 23 1.60 -1.80 1.25
CA VAL A 23 2.83 -1.13 1.77
C VAL A 23 3.64 -2.10 2.63
N LYS A 24 3.01 -3.11 3.18
CA LYS A 24 3.74 -4.08 4.04
C LYS A 24 5.07 -4.50 3.37
N ILE A 25 5.18 -4.36 2.08
CA ILE A 25 6.47 -4.73 1.42
C ILE A 25 7.46 -3.59 1.60
N HIS A 26 7.11 -2.42 1.16
CA HIS A 26 8.03 -1.25 1.33
C HIS A 26 8.43 -1.17 2.79
N THR A 27 7.63 -1.73 3.66
CA THR A 27 7.95 -1.71 5.11
C THR A 27 8.36 -3.12 5.56
N GLY A 28 8.12 -4.10 4.73
CA GLY A 28 8.49 -5.50 5.12
C GLY A 28 7.83 -5.86 6.45
ZN ZN B . 3.74 -0.02 -3.55
N PHE A 2 -2.74 -1.94 6.57
CA PHE A 2 -1.92 -0.77 7.01
C PHE A 2 -2.55 0.53 6.50
N GLN A 3 -1.90 1.21 5.57
CA GLN A 3 -2.46 2.48 5.04
C GLN A 3 -1.53 3.03 3.95
N CYS A 4 -2.06 3.72 2.98
CA CYS A 4 -1.19 4.28 1.91
C CYS A 4 -0.81 5.73 2.24
N THR A 5 0.34 6.16 1.83
CA THR A 5 0.77 7.56 2.12
C THR A 5 1.63 8.07 0.97
N PHE A 6 1.29 7.70 -0.24
CA PHE A 6 2.08 8.15 -1.42
C PHE A 6 1.18 8.79 -2.46
N NVA A 7 1.65 9.83 -3.10
CA NVA A 7 0.83 10.49 -4.16
CB NVA A 7 0.73 9.44 -5.26
CG NVA A 7 -0.26 9.89 -6.36
CD NVA A 7 -1.00 11.17 -5.97
C NVA A 7 -0.58 10.79 -3.67
O NVA A 7 -0.83 10.90 -2.48
H NVA A 7 2.54 10.17 -2.89
HA NVA A 7 1.32 11.38 -4.53
HB2 NVA A 7 0.37 8.51 -4.84
HB3 NVA A 7 1.70 9.27 -5.69
HG2 NVA A 7 -0.97 9.10 -6.54
HG3 NVA A 7 0.30 10.07 -7.28
HD3 NVA A 7 -1.72 11.43 -6.74
N CYS A 8 -1.50 10.91 -4.58
CA CYS A 8 -2.92 11.19 -4.19
C CYS A 8 -3.63 9.86 -4.02
N CYS A 9 -3.02 8.78 -4.46
CA CYS A 9 -3.65 7.45 -4.31
C CYS A 9 -4.08 7.25 -2.86
N GLY A 10 -3.15 7.35 -1.96
CA GLY A 10 -3.48 7.19 -0.51
C GLY A 10 -4.52 6.07 -0.34
N LYS A 11 -4.28 4.93 -0.92
CA LYS A 11 -5.26 3.80 -0.78
C LYS A 11 -5.23 3.25 0.65
N ARG A 12 -5.92 2.18 0.90
CA ARG A 12 -5.93 1.59 2.26
C ARG A 12 -5.28 0.20 2.25
N PHE A 13 -4.45 -0.09 3.23
CA PHE A 13 -3.79 -1.42 3.27
C PHE A 13 -4.42 -2.28 4.38
N SER A 14 -4.47 -3.56 4.18
CA SER A 14 -5.07 -4.45 5.22
C SER A 14 -3.99 -5.26 5.93
N LEU A 15 -3.05 -5.79 5.20
CA LEU A 15 -1.97 -6.59 5.83
C LEU A 15 -0.67 -6.47 5.03
N ASP A 16 0.41 -6.98 5.57
CA ASP A 16 1.72 -6.89 4.84
C ASP A 16 1.55 -7.38 3.39
N PHE A 17 0.98 -8.54 3.21
CA PHE A 17 0.79 -9.04 1.82
C PHE A 17 0.13 -7.95 0.98
N ASN A 18 -1.00 -7.46 1.40
CA ASN A 18 -1.68 -6.38 0.64
C ASN A 18 -0.88 -5.08 0.79
N LEU A 19 -0.02 -5.03 1.78
CA LEU A 19 0.80 -3.80 1.99
C LEU A 19 1.79 -3.63 0.85
N LYS A 20 2.59 -4.63 0.60
CA LYS A 20 3.59 -4.52 -0.51
C LYS A 20 2.88 -4.74 -1.85
N THR A 21 1.86 -5.55 -1.86
CA THR A 21 1.12 -5.80 -3.12
C THR A 21 0.58 -4.47 -3.65
N HIS A 22 0.50 -3.48 -2.80
CA HIS A 22 -0.02 -2.16 -3.25
C HIS A 22 1.13 -1.16 -3.42
N VAL A 23 1.73 -0.74 -2.35
CA VAL A 23 2.85 0.25 -2.46
C VAL A 23 3.78 -0.14 -3.61
N LYS A 24 3.81 -1.40 -3.97
CA LYS A 24 4.69 -1.85 -5.09
C LYS A 24 4.65 -0.84 -6.25
N ILE A 25 3.55 -0.14 -6.42
CA ILE A 25 3.48 0.86 -7.54
C ILE A 25 4.29 2.09 -7.15
N HIS A 26 3.94 2.73 -6.07
CA HIS A 26 4.71 3.92 -5.63
C HIS A 26 6.19 3.56 -5.61
N THR A 27 6.48 2.29 -5.48
CA THR A 27 7.89 1.85 -5.47
C THR A 27 8.26 1.27 -6.83
N GLY A 28 7.26 0.92 -7.62
CA GLY A 28 7.55 0.36 -8.97
C GLY A 28 8.55 -0.80 -8.84
ZN ZN B . -1.24 3.92 -2.76
N PHE A 2 -3.10 -3.31 -6.42
CA PHE A 2 -2.33 -4.53 -6.05
C PHE A 2 -2.95 -5.18 -4.81
N GLN A 3 -2.26 -5.14 -3.69
CA GLN A 3 -2.80 -5.76 -2.44
C GLN A 3 -1.83 -5.52 -1.28
N CYS A 4 -2.31 -5.44 -0.08
CA CYS A 4 -1.38 -5.22 1.07
C CYS A 4 -1.03 -6.56 1.72
N THR A 5 0.01 -6.57 2.52
CA THR A 5 0.41 -7.84 3.20
C THR A 5 1.34 -7.51 4.37
N PHE A 6 1.09 -6.41 5.02
CA PHE A 6 1.95 -6.00 6.16
C PHE A 6 1.11 -5.72 7.40
N NVA A 7 1.62 -6.04 8.55
CA NVA A 7 0.86 -5.77 9.81
CB NVA A 7 0.81 -4.25 9.89
CG NVA A 7 -0.17 -3.78 10.99
CD NVA A 7 -0.89 -4.96 11.66
C NVA A 7 -0.57 -6.29 9.71
O NVA A 7 -0.89 -7.14 8.89
H NVA A 7 2.50 -6.46 8.60
HA NVA A 7 1.36 -6.18 10.66
HB2 NVA A 7 0.48 -3.85 8.94
HB3 NVA A 7 1.79 -3.87 10.10
HG2 NVA A 7 -0.91 -3.13 10.54
HG3 NVA A 7 0.38 -3.23 11.74
HD3 NVA A 7 -1.57 -4.60 12.40
N CYS A 8 -1.45 -5.76 10.52
CA CYS A 8 -2.87 -6.18 10.47
C CYS A 8 -3.60 -5.33 9.43
N CYS A 9 -2.95 -4.30 8.95
CA CYS A 9 -3.58 -3.42 7.94
C CYS A 9 -4.04 -4.28 6.76
N GLY A 10 -3.11 -4.94 6.12
CA GLY A 10 -3.47 -5.81 4.96
C GLY A 10 -4.56 -5.12 4.12
N LYS A 11 -4.36 -3.88 3.78
CA LYS A 11 -5.39 -3.15 2.97
C LYS A 11 -5.36 -3.66 1.52
N ARG A 12 -6.10 -3.02 0.65
CA ARG A 12 -6.13 -3.46 -0.77
C ARG A 12 -5.55 -2.35 -1.66
N PHE A 13 -4.68 -2.71 -2.56
CA PHE A 13 -4.07 -1.68 -3.47
C PHE A 13 -4.78 -1.70 -4.82
N SER A 14 -4.50 -0.74 -5.66
CA SER A 14 -5.15 -0.71 -7.00
C SER A 14 -4.10 -0.57 -8.10
N LEU A 15 -3.20 0.37 -7.96
CA LEU A 15 -2.15 0.55 -9.00
C LEU A 15 -0.82 0.94 -8.35
N ASP A 16 0.24 0.93 -9.11
CA ASP A 16 1.57 1.29 -8.53
C ASP A 16 1.47 2.61 -7.75
N PHE A 17 0.93 3.63 -8.35
CA PHE A 17 0.80 4.92 -7.62
C PHE A 17 0.14 4.67 -6.26
N ASN A 18 -1.00 4.03 -6.26
CA ASN A 18 -1.68 3.74 -4.97
C ASN A 18 -0.94 2.62 -4.25
N LEU A 19 -0.04 1.96 -4.94
CA LEU A 19 0.73 0.85 -4.31
C LEU A 19 1.77 1.42 -3.34
N LYS A 20 2.57 2.34 -3.79
CA LYS A 20 3.61 2.93 -2.89
C LYS A 20 2.97 3.93 -1.94
N THR A 21 2.09 4.75 -2.43
CA THR A 21 1.43 5.75 -1.54
C THR A 21 0.91 5.04 -0.28
N HIS A 22 0.58 3.78 -0.40
CA HIS A 22 0.07 3.04 0.78
C HIS A 22 1.22 2.37 1.54
N VAL A 23 1.81 1.34 0.99
CA VAL A 23 2.92 0.66 1.71
C VAL A 23 3.88 1.70 2.33
N LYS A 24 3.89 2.90 1.80
CA LYS A 24 4.79 3.94 2.36
C LYS A 24 4.67 4.00 3.90
N ILE A 25 3.60 3.51 4.46
CA ILE A 25 3.47 3.53 5.94
C ILE A 25 4.26 2.36 6.52
N HIS A 26 3.96 1.17 6.09
CA HIS A 26 4.71 -0.02 6.60
C HIS A 26 6.19 0.23 6.40
N THR A 27 6.53 1.10 5.48
CA THR A 27 7.95 1.42 5.24
C THR A 27 8.25 2.85 5.72
N GLY A 28 7.23 3.60 6.02
CA GLY A 28 7.45 4.99 6.50
C GLY A 28 8.05 5.82 5.36
ZN ZN B . -1.22 -1.87 4.35
N PHE A 2 5.78 -3.00 -4.23
CA PHE A 2 5.15 -2.40 -5.44
C PHE A 2 5.25 -0.87 -5.40
N GLN A 3 4.17 -0.20 -5.13
CA GLN A 3 4.20 1.30 -5.07
C GLN A 3 2.80 1.82 -4.72
N CYS A 4 2.72 2.92 -4.01
CA CYS A 4 1.37 3.46 -3.67
C CYS A 4 0.95 4.52 -4.69
N THR A 5 -0.29 4.49 -5.11
CA THR A 5 -0.76 5.51 -6.09
C THR A 5 -2.13 6.04 -5.66
N PHE A 6 -2.31 6.22 -4.38
CA PHE A 6 -3.61 6.73 -3.87
C PHE A 6 -3.42 7.95 -2.99
N NVA A 7 -4.36 8.86 -3.02
CA NVA A 7 -4.25 10.07 -2.16
CB NVA A 7 -4.50 9.56 -0.74
CG NVA A 7 -4.24 10.66 0.31
CD NVA A 7 -3.63 11.93 -0.34
C NVA A 7 -2.85 10.67 -2.20
O NVA A 7 -2.09 10.44 -3.12
H NVA A 7 -5.14 8.74 -3.59
HA NVA A 7 -4.99 10.80 -2.43
HB2 NVA A 7 -3.85 8.72 -0.55
HB3 NVA A 7 -5.53 9.23 -0.66
HG2 NVA A 7 -3.55 10.28 1.04
HG3 NVA A 7 -5.16 10.93 0.79
HD3 NVA A 7 -3.42 12.66 0.43
N CYS A 8 -2.52 11.42 -1.19
CA CYS A 8 -1.15 12.02 -1.13
C CYS A 8 -0.22 11.05 -0.41
N CYS A 9 -0.77 10.05 0.23
CA CYS A 9 0.06 9.05 0.94
C CYS A 9 1.15 8.56 0.00
N GLY A 10 0.76 8.03 -1.13
CA GLY A 10 1.75 7.52 -2.12
C GLY A 10 2.94 6.88 -1.40
N LYS A 11 2.68 5.96 -0.50
CA LYS A 11 3.79 5.29 0.22
C LYS A 11 4.50 4.30 -0.71
N ARG A 12 5.43 3.55 -0.18
CA ARG A 12 6.16 2.56 -1.03
C ARG A 12 5.75 1.13 -0.66
N PHE A 13 5.57 0.28 -1.63
CA PHE A 13 5.17 -1.12 -1.33
C PHE A 13 6.35 -2.07 -1.58
N SER A 14 6.51 -3.07 -0.75
CA SER A 14 7.63 -4.03 -0.94
C SER A 14 7.16 -5.22 -1.77
N LEU A 15 6.21 -5.97 -1.27
CA LEU A 15 5.70 -7.14 -2.04
C LEU A 15 4.19 -7.24 -1.87
N ASP A 16 3.58 -8.25 -2.44
CA ASP A 16 2.10 -8.39 -2.31
C ASP A 16 1.67 -8.30 -0.85
N PHE A 17 2.22 -9.10 0.00
CA PHE A 17 1.83 -9.03 1.44
C PHE A 17 1.84 -7.57 1.90
N ASN A 18 2.94 -6.89 1.73
CA ASN A 18 2.99 -5.46 2.13
C ASN A 18 2.17 -4.62 1.16
N LEU A 19 1.82 -5.19 0.03
CA LEU A 19 1.01 -4.43 -0.96
C LEU A 19 -0.41 -4.24 -0.45
N LYS A 20 -1.05 -5.29 -0.03
CA LYS A 20 -2.44 -5.16 0.49
C LYS A 20 -2.44 -4.60 1.90
N THR A 21 -1.59 -5.11 2.75
CA THR A 21 -1.53 -4.60 4.14
C THR A 21 -1.55 -3.06 4.13
N HIS A 22 -1.03 -2.47 3.10
CA HIS A 22 -1.01 -0.99 3.02
C HIS A 22 -2.25 -0.46 2.29
N VAL A 23 -2.33 -0.65 1.00
CA VAL A 23 -3.50 -0.14 0.25
C VAL A 23 -4.80 -0.42 1.03
N LYS A 24 -4.79 -1.40 1.88
CA LYS A 24 -6.02 -1.71 2.67
C LYS A 24 -6.72 -0.42 3.14
N ILE A 25 -5.96 0.59 3.47
CA ILE A 25 -6.60 1.86 3.92
C ILE A 25 -7.31 2.52 2.74
N HIS A 26 -6.58 2.85 1.71
CA HIS A 26 -7.21 3.48 0.52
C HIS A 26 -8.43 2.64 0.14
N THR A 27 -8.42 1.40 0.49
CA THR A 27 -9.57 0.51 0.17
C THR A 27 -10.48 0.41 1.40
N GLY A 28 -9.97 0.71 2.56
CA GLY A 28 -10.80 0.63 3.79
C GLY A 28 -11.96 1.62 3.69
ZN ZN B . -0.70 4.63 0.36
N PHE A 2 4.49 5.18 -3.09
CA PHE A 2 4.10 5.88 -1.83
C PHE A 2 4.77 5.20 -0.62
N GLN A 3 4.00 4.56 0.22
CA GLN A 3 4.58 3.88 1.42
C GLN A 3 3.47 3.17 2.20
N CYS A 4 3.77 2.09 2.86
CA CYS A 4 2.71 1.40 3.66
C CYS A 4 2.74 1.86 5.11
N THR A 5 1.62 1.85 5.77
CA THR A 5 1.60 2.29 7.20
C THR A 5 0.53 1.51 7.96
N PHE A 6 0.38 0.26 7.63
CA PHE A 6 -0.66 -0.57 8.30
C PHE A 6 -0.05 -1.86 8.86
N NVA A 7 -0.51 -2.29 10.01
CA NVA A 7 0.02 -3.56 10.59
CB NVA A 7 -0.47 -4.64 9.64
CG NVA A 7 0.16 -6.01 9.99
CD NVA A 7 1.23 -5.88 11.09
C NVA A 7 1.54 -3.57 10.60
O NVA A 7 2.20 -2.55 10.55
H NVA A 7 -1.21 -1.80 10.47
HA NVA A 7 -0.38 -3.73 11.58
HB2 NVA A 7 -0.18 -4.38 8.63
HB3 NVA A 7 -1.54 -4.71 9.69
HG2 NVA A 7 0.61 -6.43 9.10
HG3 NVA A 7 -0.62 -6.68 10.33
HD3 NVA A 7 1.68 -6.85 11.27
N CYS A 8 2.11 -4.76 10.64
CA CYS A 8 3.58 -4.87 10.62
C CYS A 8 4.06 -4.97 9.17
N CYS A 9 3.13 -5.17 8.27
CA CYS A 9 3.49 -5.26 6.82
C CYS A 9 4.33 -4.06 6.44
N GLY A 10 3.80 -2.89 6.63
CA GLY A 10 4.56 -1.64 6.30
C GLY A 10 5.36 -1.85 5.01
N LYS A 11 4.72 -2.32 3.97
CA LYS A 11 5.45 -2.54 2.69
C LYS A 11 5.81 -1.19 2.05
N ARG A 12 6.32 -1.21 0.85
CA ARG A 12 6.70 0.06 0.17
C ARG A 12 5.85 0.27 -1.08
N PHE A 13 5.34 1.46 -1.28
CA PHE A 13 4.52 1.73 -2.48
C PHE A 13 5.32 2.57 -3.49
N SER A 14 4.96 2.51 -4.74
CA SER A 14 5.70 3.31 -5.76
C SER A 14 4.75 4.30 -6.44
N LEU A 15 3.57 3.89 -6.77
CA LEU A 15 2.60 4.82 -7.43
C LEU A 15 1.17 4.48 -7.02
N ASP A 16 0.23 5.32 -7.36
CA ASP A 16 -1.19 5.05 -6.98
C ASP A 16 -1.58 3.62 -7.37
N PHE A 17 -1.38 3.26 -8.61
CA PHE A 17 -1.75 1.87 -9.02
C PHE A 17 -1.19 0.88 -8.01
N ASN A 18 0.10 0.91 -7.79
CA ASN A 18 0.70 -0.03 -6.79
C ASN A 18 0.27 0.40 -5.38
N LEU A 19 -0.23 1.60 -5.25
CA LEU A 19 -0.67 2.08 -3.91
C LEU A 19 -1.93 1.33 -3.49
N LYS A 20 -2.96 1.35 -4.30
CA LYS A 20 -4.20 0.64 -3.94
C LYS A 20 -4.03 -0.86 -4.18
N THR A 21 -3.24 -1.23 -5.15
CA THR A 21 -3.02 -2.67 -5.42
C THR A 21 -2.43 -3.32 -4.17
N HIS A 22 -1.92 -2.54 -3.25
CA HIS A 22 -1.33 -3.12 -2.02
C HIS A 22 -2.24 -2.86 -0.82
N VAL A 23 -2.36 -1.63 -0.39
CA VAL A 23 -3.23 -1.33 0.78
C VAL A 23 -4.56 -2.10 0.68
N LYS A 24 -4.95 -2.45 -0.51
CA LYS A 24 -6.24 -3.19 -0.68
C LYS A 24 -6.41 -4.24 0.43
N ILE A 25 -5.36 -4.89 0.84
CA ILE A 25 -5.51 -5.91 1.92
C ILE A 25 -5.86 -5.22 3.22
N HIS A 26 -5.02 -4.34 3.69
CA HIS A 26 -5.33 -3.60 4.95
C HIS A 26 -6.76 -3.08 4.87
N THR A 27 -7.24 -2.87 3.68
CA THR A 27 -8.63 -2.38 3.51
C THR A 27 -9.56 -3.54 3.18
N GLY A 28 -9.01 -4.66 2.76
CA GLY A 28 -9.87 -5.82 2.43
C GLY A 28 -9.97 -6.74 3.65
ZN ZN B . 1.13 -3.01 3.68
N PHE A 2 -6.24 -3.61 2.68
CA PHE A 2 -6.00 -2.78 3.88
C PHE A 2 -6.23 -1.29 3.55
N GLN A 3 -5.18 -0.50 3.52
CA GLN A 3 -5.33 0.95 3.21
C GLN A 3 -3.96 1.62 3.21
N CYS A 4 -3.78 2.65 2.44
CA CYS A 4 -2.45 3.34 2.43
C CYS A 4 -2.47 4.54 3.39
N THR A 5 -1.32 5.05 3.73
CA THR A 5 -1.27 6.21 4.65
C THR A 5 0.12 6.87 4.57
N PHE A 6 0.65 6.95 3.38
CA PHE A 6 1.99 7.56 3.20
C PHE A 6 1.97 8.64 2.13
N NVA A 7 2.76 9.67 2.31
CA NVA A 7 2.83 10.75 1.30
CB NVA A 7 3.51 10.11 0.11
CG NVA A 7 3.66 11.18 -0.98
CD NVA A 7 2.28 11.53 -1.56
C NVA A 7 1.44 11.20 0.85
O NVA A 7 0.48 11.13 1.58
H NVA A 7 3.32 9.72 3.11
HA NVA A 7 3.40 11.59 1.65
HB2 NVA A 7 2.90 9.31 -0.27
HB3 NVA A 7 4.47 9.74 0.40
HG2 NVA A 7 4.29 10.79 -1.77
HG3 NVA A 7 4.11 12.06 -0.56
HD3 NVA A 7 2.41 12.19 -2.41
N CYS A 8 1.34 11.65 -0.38
CA CYS A 8 0.01 12.08 -0.89
C CYS A 8 -0.65 10.92 -1.64
N CYS A 9 0.02 9.80 -1.70
CA CYS A 9 -0.54 8.62 -2.40
C CYS A 9 -1.77 8.13 -1.65
N GLY A 10 -1.59 7.76 -0.40
CA GLY A 10 -2.74 7.28 0.42
C GLY A 10 -3.67 6.41 -0.45
N LYS A 11 -3.11 5.47 -1.18
CA LYS A 11 -3.96 4.60 -2.03
C LYS A 11 -4.78 3.64 -1.16
N ARG A 12 -5.44 2.70 -1.76
CA ARG A 12 -6.25 1.73 -0.97
C ARG A 12 -5.70 0.31 -1.13
N PHE A 13 -5.63 -0.44 -0.06
CA PHE A 13 -5.11 -1.83 -0.16
C PHE A 13 -6.26 -2.83 -0.05
N SER A 14 -6.20 -3.91 -0.78
CA SER A 14 -7.30 -4.91 -0.72
C SER A 14 -6.88 -6.11 0.14
N LEU A 15 -5.66 -6.54 0.02
CA LEU A 15 -5.20 -7.70 0.84
C LEU A 15 -3.68 -7.64 1.05
N ASP A 16 -3.15 -8.51 1.85
CA ASP A 16 -1.68 -8.50 2.10
C ASP A 16 -0.91 -8.46 0.77
N PHE A 17 -1.19 -9.38 -0.11
CA PHE A 17 -0.47 -9.36 -1.43
C PHE A 17 -0.48 -7.95 -1.99
N ASN A 18 -1.64 -7.37 -2.15
CA ASN A 18 -1.71 -5.98 -2.68
C ASN A 18 -1.22 -5.01 -1.61
N LEU A 19 -1.14 -5.46 -0.39
CA LEU A 19 -0.68 -4.57 0.71
C LEU A 19 0.82 -4.30 0.56
N LYS A 20 1.61 -5.33 0.45
CA LYS A 20 3.08 -5.12 0.30
C LYS A 20 3.40 -4.77 -1.15
N THR A 21 2.70 -5.35 -2.08
CA THR A 21 2.96 -5.04 -3.50
C THR A 21 2.80 -3.53 -3.73
N HIS A 22 2.14 -2.86 -2.82
CA HIS A 22 1.97 -1.39 -2.97
C HIS A 22 2.94 -0.63 -2.07
N VAL A 23 2.73 -0.67 -0.78
CA VAL A 23 3.65 0.07 0.14
C VAL A 23 5.11 -0.12 -0.31
N LYS A 24 5.39 -1.20 -0.99
CA LYS A 24 6.80 -1.44 -1.45
C LYS A 24 7.42 -0.15 -1.99
N ILE A 25 6.62 0.77 -2.46
CA ILE A 25 7.19 2.05 -2.99
C ILE A 25 7.58 2.95 -1.82
N HIS A 26 6.64 3.29 -0.99
CA HIS A 26 6.96 4.14 0.18
C HIS A 26 8.14 3.52 0.91
N THR A 27 8.32 2.23 0.74
CA THR A 27 9.45 1.55 1.40
C THR A 27 10.57 1.31 0.38
N GLY A 28 10.25 1.40 -0.89
CA GLY A 28 11.29 1.18 -1.94
C GLY A 28 11.71 2.53 -2.53
ZN ZN B . 0.50 4.36 -1.12
N PHE A 2 -6.93 0.64 -2.80
CA PHE A 2 -6.36 1.93 -3.33
C PHE A 2 -5.45 1.63 -4.53
N GLN A 3 -4.16 1.76 -4.37
CA GLN A 3 -3.23 1.49 -5.50
C GLN A 3 -1.78 1.71 -5.05
N CYS A 4 -0.89 0.79 -5.34
CA CYS A 4 0.53 0.99 -4.93
C CYS A 4 1.33 1.62 -6.07
N THR A 5 2.01 2.70 -5.81
CA THR A 5 2.80 3.35 -6.88
C THR A 5 4.25 3.49 -6.44
N PHE A 6 4.78 2.47 -5.81
CA PHE A 6 6.20 2.53 -5.34
C PHE A 6 7.02 1.39 -5.93
N NVA A 7 8.27 1.63 -6.22
CA NVA A 7 9.12 0.55 -6.77
CB NVA A 7 9.36 -0.39 -5.57
CG NVA A 7 9.96 -1.73 -6.03
CD NVA A 7 10.21 -1.77 -7.55
C NVA A 7 8.40 -0.24 -7.86
O NVA A 7 7.41 0.20 -8.41
H NVA A 7 8.64 2.52 -6.07
HA NVA A 7 10.06 0.94 -7.13
HB2 NVA A 7 8.41 -0.57 -5.08
HB3 NVA A 7 10.03 0.09 -4.88
HG2 NVA A 7 9.28 -2.53 -5.77
HG3 NVA A 7 10.90 -1.90 -5.51
HD3 NVA A 7 10.67 -2.71 -7.82
N CYS A 8 8.89 -1.41 -8.15
CA CYS A 8 8.23 -2.26 -9.19
C CYS A 8 7.08 -3.03 -8.52
N CYS A 9 7.01 -2.98 -7.22
CA CYS A 9 5.91 -3.68 -6.50
C CYS A 9 4.57 -3.20 -7.04
N GLY A 10 4.30 -1.93 -6.91
CA GLY A 10 3.00 -1.38 -7.41
C GLY A 10 1.88 -2.39 -7.19
N LYS A 11 1.79 -2.94 -6.01
CA LYS A 11 0.73 -3.95 -5.72
C LYS A 11 -0.66 -3.29 -5.77
N ARG A 12 -1.67 -4.02 -5.42
CA ARG A 12 -3.05 -3.45 -5.44
C ARG A 12 -3.56 -3.25 -4.01
N PHE A 13 -4.25 -2.18 -3.75
CA PHE A 13 -4.77 -1.94 -2.36
C PHE A 13 -6.27 -2.19 -2.32
N SER A 14 -6.75 -2.83 -1.28
CA SER A 14 -8.21 -3.10 -1.18
C SER A 14 -8.92 -1.93 -0.50
N LEU A 15 -8.21 -1.16 0.29
CA LEU A 15 -8.83 -0.01 0.98
C LEU A 15 -7.78 0.73 1.82
N ASP A 16 -8.09 1.90 2.29
CA ASP A 16 -7.10 2.65 3.11
C ASP A 16 -6.46 1.71 4.14
N PHE A 17 -7.25 1.15 5.01
CA PHE A 17 -6.69 0.23 6.03
C PHE A 17 -5.69 -0.72 5.39
N ASN A 18 -6.10 -1.48 4.40
CA ASN A 18 -5.16 -2.42 3.73
C ASN A 18 -4.18 -1.64 2.85
N LEU A 19 -4.43 -0.38 2.65
CA LEU A 19 -3.53 0.45 1.80
C LEU A 19 -2.31 0.89 2.63
N LYS A 20 -2.51 1.20 3.88
CA LYS A 20 -1.37 1.64 4.72
C LYS A 20 -0.62 0.42 5.25
N THR A 21 -1.32 -0.65 5.52
CA THR A 21 -0.65 -1.87 6.02
C THR A 21 0.34 -2.38 4.96
N HIS A 22 0.18 -1.94 3.75
CA HIS A 22 1.11 -2.39 2.66
C HIS A 22 2.23 -1.37 2.45
N VAL A 23 1.90 -0.21 1.96
CA VAL A 23 2.95 0.83 1.73
C VAL A 23 3.93 0.86 2.91
N LYS A 24 3.49 0.46 4.08
CA LYS A 24 4.39 0.46 5.26
C LYS A 24 5.80 -0.02 4.88
N ILE A 25 5.92 -0.82 3.86
CA ILE A 25 7.28 -1.29 3.46
C ILE A 25 8.00 -0.19 2.72
N HIS A 26 7.45 0.27 1.63
CA HIS A 26 8.10 1.38 0.87
C HIS A 26 8.41 2.51 1.85
N THR A 27 7.69 2.55 2.94
CA THR A 27 7.93 3.60 3.95
C THR A 27 8.72 3.01 5.12
N GLY A 28 8.74 1.71 5.24
CA GLY A 28 9.48 1.06 6.35
C GLY A 28 9.57 -0.45 6.11
ZN ZN B . 3.78 -1.84 -2.95
N PHE A 2 -5.47 -2.29 4.17
CA PHE A 2 -4.86 -1.30 5.10
C PHE A 2 -5.20 0.13 4.62
N GLN A 3 -4.22 0.82 4.08
CA GLN A 3 -4.48 2.22 3.60
C GLN A 3 -3.20 2.80 3.01
N CYS A 4 -3.26 3.35 1.82
CA CYS A 4 -2.01 3.94 1.24
C CYS A 4 -1.93 5.44 1.58
N THR A 5 -0.85 5.85 2.18
CA THR A 5 -0.70 7.29 2.54
C THR A 5 0.55 7.86 1.88
N PHE A 6 0.78 7.51 0.65
CA PHE A 6 1.99 8.01 -0.07
C PHE A 6 1.59 8.74 -1.35
N NVA A 7 2.31 9.78 -1.69
CA NVA A 7 2.01 10.52 -2.94
CB NVA A 7 2.45 9.57 -4.06
CG NVA A 7 1.94 10.05 -5.44
CD NVA A 7 1.11 11.34 -5.32
C NVA A 7 0.51 10.77 -3.08
O NVA A 7 -0.25 10.68 -2.13
H NVA A 7 3.07 10.05 -1.13
HA NVA A 7 2.56 11.44 -3.00
HB2 NVA A 7 2.06 8.58 -3.85
HB3 NVA A 7 3.52 9.53 -4.07
HG2 NVA A 7 1.32 9.28 -5.86
HG3 NVA A 7 2.78 10.22 -6.08
HD3 NVA A 7 0.78 11.65 -6.30
N CYS A 8 0.07 11.04 -4.28
CA CYS A 8 -1.37 11.26 -4.52
C CYS A 8 -2.04 9.91 -4.75
N CYS A 9 -1.26 8.87 -4.91
CA CYS A 9 -1.83 7.52 -5.12
C CYS A 9 -2.78 7.18 -3.99
N GLY A 10 -2.29 7.17 -2.77
CA GLY A 10 -3.16 6.87 -1.60
C GLY A 10 -4.18 5.79 -1.98
N LYS A 11 -3.74 4.72 -2.61
CA LYS A 11 -4.67 3.64 -3.00
C LYS A 11 -5.26 2.95 -1.78
N ARG A 12 -6.03 1.91 -1.98
CA ARG A 12 -6.63 1.19 -0.84
C ARG A 12 -5.93 -0.15 -0.63
N PHE A 13 -5.72 -0.55 0.60
CA PHE A 13 -5.03 -1.85 0.86
C PHE A 13 -6.04 -2.89 1.36
N SER A 14 -5.93 -4.10 0.89
CA SER A 14 -6.88 -5.15 1.35
C SER A 14 -6.34 -5.84 2.61
N LEU A 15 -5.05 -5.83 2.79
CA LEU A 15 -4.46 -6.48 3.99
C LEU A 15 -2.93 -6.32 3.97
N ASP A 16 -2.28 -6.58 5.07
CA ASP A 16 -0.80 -6.44 5.10
C ASP A 16 -0.19 -7.08 3.86
N PHE A 17 -0.64 -8.26 3.51
CA PHE A 17 -0.10 -8.93 2.30
C PHE A 17 -0.18 -7.99 1.09
N ASN A 18 -1.36 -7.67 0.66
CA ASN A 18 -1.50 -6.75 -0.51
C ASN A 18 -1.00 -5.35 -0.12
N LEU A 19 -1.01 -5.07 1.14
CA LEU A 19 -0.53 -3.74 1.63
C LEU A 19 0.95 -3.55 1.27
N LYS A 20 1.74 -4.56 1.45
CA LYS A 20 3.20 -4.43 1.12
C LYS A 20 3.41 -4.62 -0.38
N THR A 21 2.65 -5.48 -0.99
CA THR A 21 2.80 -5.69 -2.45
C THR A 21 2.50 -4.40 -3.19
N HIS A 22 1.85 -3.48 -2.54
CA HIS A 22 1.52 -2.17 -3.20
C HIS A 22 2.58 -1.13 -2.86
N VAL A 23 2.64 -0.72 -1.63
CA VAL A 23 3.65 0.31 -1.23
C VAL A 23 5.00 0.03 -1.91
N LYS A 24 5.26 -1.20 -2.25
CA LYS A 24 6.56 -1.54 -2.92
C LYS A 24 6.93 -0.47 -3.95
N ILE A 25 5.98 0.20 -4.52
CA ILE A 25 6.31 1.25 -5.52
C ILE A 25 6.84 2.49 -4.80
N HIS A 26 6.04 3.05 -3.93
CA HIS A 26 6.51 4.24 -3.18
C HIS A 26 7.87 3.93 -2.56
N THR A 27 8.14 2.67 -2.38
CA THR A 27 9.45 2.27 -1.80
C THR A 27 10.36 1.76 -2.92
N GLY A 28 9.79 1.43 -4.05
CA GLY A 28 10.62 0.93 -5.18
C GLY A 28 11.29 2.11 -5.89
ZN ZN B . -0.08 3.87 -3.09
N PHE A 2 -1.49 2.32 -7.31
CA PHE A 2 -2.42 3.31 -6.71
C PHE A 2 -1.65 4.33 -5.86
N GLN A 3 -1.75 4.25 -4.56
CA GLN A 3 -1.03 5.21 -3.68
C GLN A 3 -1.30 4.87 -2.21
N CYS A 4 -0.40 5.20 -1.32
CA CYS A 4 -0.64 4.90 0.12
C CYS A 4 -1.25 6.11 0.82
N THR A 5 -1.85 5.91 1.96
CA THR A 5 -2.44 7.05 2.70
C THR A 5 -2.59 6.68 4.18
N PHE A 6 -1.65 5.94 4.70
CA PHE A 6 -1.71 5.52 6.12
C PHE A 6 -0.42 5.88 6.85
N NVA A 7 -0.51 6.22 8.11
CA NVA A 7 0.71 6.54 8.89
CB NVA A 7 1.43 5.21 9.02
CG NVA A 7 2.86 5.40 9.58
CD NVA A 7 3.19 6.89 9.80
C NVA A 7 1.61 7.51 8.12
O NVA A 7 1.19 8.18 7.20
H NVA A 7 -1.39 6.24 8.53
HA NVA A 7 0.46 6.94 9.86
HB2 NVA A 7 1.50 4.74 8.04
HB3 NVA A 7 0.88 4.56 9.68
HG2 NVA A 7 3.57 4.98 8.89
HG3 NVA A 7 2.94 4.89 10.52
HD3 NVA A 7 4.20 6.99 10.18
N CYS A 8 2.85 7.55 8.49
CA CYS A 8 3.82 8.43 7.78
C CYS A 8 4.37 7.68 6.56
N CYS A 9 4.11 6.40 6.49
CA CYS A 9 4.59 5.60 5.34
C CYS A 9 4.14 6.27 4.04
N GLY A 10 2.86 6.41 3.87
CA GLY A 10 2.32 7.06 2.64
C GLY A 10 3.16 6.66 1.42
N LYS A 11 3.43 5.38 1.28
CA LYS A 11 4.24 4.92 0.11
C LYS A 11 3.45 5.06 -1.18
N ARG A 12 3.98 4.57 -2.27
CA ARG A 12 3.26 4.68 -3.58
C ARG A 12 2.88 3.28 -4.08
N PHE A 13 1.69 3.13 -4.62
CA PHE A 13 1.27 1.79 -5.13
C PHE A 13 1.29 1.80 -6.66
N SER A 14 1.73 0.72 -7.25
CA SER A 14 1.78 0.66 -8.74
C SER A 14 0.56 -0.10 -9.28
N LEU A 15 0.11 -1.09 -8.57
CA LEU A 15 -1.08 -1.86 -9.05
C LEU A 15 -1.73 -2.61 -7.89
N ASP A 16 -2.86 -3.22 -8.12
CA ASP A 16 -3.55 -3.97 -7.03
C ASP A 16 -2.56 -4.92 -6.34
N PHE A 17 -1.80 -5.65 -7.10
CA PHE A 17 -0.83 -6.59 -6.47
C PHE A 17 0.00 -5.83 -5.42
N ASN A 18 0.73 -4.84 -5.83
CA ASN A 18 1.53 -4.06 -4.85
C ASN A 18 0.59 -3.26 -3.96
N LEU A 19 -0.64 -3.08 -4.38
CA LEU A 19 -1.62 -2.33 -3.56
C LEU A 19 -1.95 -3.10 -2.28
N LYS A 20 -2.34 -4.33 -2.40
CA LYS A 20 -2.67 -5.14 -1.20
C LYS A 20 -1.39 -5.67 -0.56
N THR A 21 -0.42 -6.03 -1.36
CA THR A 21 0.86 -6.54 -0.81
C THR A 21 1.49 -5.45 0.06
N HIS A 22 1.08 -4.23 -0.12
CA HIS A 22 1.65 -3.13 0.69
C HIS A 22 0.75 -2.81 1.89
N VAL A 23 -0.42 -2.26 1.65
CA VAL A 23 -1.32 -1.93 2.79
C VAL A 23 -1.34 -3.08 3.80
N LYS A 24 -1.03 -4.28 3.38
CA LYS A 24 -1.05 -5.43 4.32
C LYS A 24 -0.45 -5.04 5.67
N ILE A 25 0.59 -4.24 5.67
CA ILE A 25 1.20 -3.84 6.98
C ILE A 25 0.21 -2.98 7.75
N HIS A 26 -0.18 -1.87 7.21
CA HIS A 26 -1.16 -1.00 7.91
C HIS A 26 -2.32 -1.87 8.40
N THR A 27 -2.54 -2.98 7.75
CA THR A 27 -3.63 -3.89 8.17
C THR A 27 -3.04 -5.00 9.05
N GLY A 28 -1.75 -5.24 8.94
CA GLY A 28 -1.12 -6.30 9.77
C GLY A 28 -1.00 -7.58 8.94
ZN ZN B . 1.91 2.53 3.26
N PHE A 2 3.22 -0.79 -7.05
CA PHE A 2 4.24 0.14 -6.48
C PHE A 2 5.09 -0.59 -5.43
N GLN A 3 4.96 -0.23 -4.17
CA GLN A 3 5.76 -0.90 -3.10
C GLN A 3 5.38 -0.32 -1.74
N CYS A 4 5.51 -1.08 -0.68
CA CYS A 4 5.17 -0.54 0.66
C CYS A 4 6.42 -0.02 1.36
N THR A 5 6.25 0.84 2.33
CA THR A 5 7.42 1.38 3.07
C THR A 5 6.98 1.87 4.45
N PHE A 6 6.05 1.17 5.04
CA PHE A 6 5.54 1.58 6.37
C PHE A 6 5.59 0.41 7.36
N NVA A 7 5.83 0.69 8.61
CA NVA A 7 5.86 -0.39 9.62
CB NVA A 7 4.40 -0.84 9.75
CG NVA A 7 4.29 -2.13 10.59
CD NVA A 7 5.67 -2.67 11.00
C NVA A 7 6.69 -1.57 9.15
O NVA A 7 7.50 -1.46 8.25
H NVA A 7 5.96 1.63 8.88
HA NVA A 7 6.21 -0.02 10.57
HB2 NVA A 7 4.01 -1.02 8.76
HB3 NVA A 7 3.83 -0.06 10.21
HG2 NVA A 7 3.77 -2.89 10.00
HG3 NVA A 7 3.71 -1.92 11.47
HD3 NVA A 7 5.54 -3.58 11.58
N CYS A 8 6.45 -2.71 9.74
CA CYS A 8 7.20 -3.93 9.31
C CYS A 8 6.44 -4.58 8.14
N CYS A 9 5.24 -4.13 7.90
CA CYS A 9 4.45 -4.70 6.77
C CYS A 9 5.28 -4.64 5.49
N GLY A 10 5.69 -3.46 5.11
CA GLY A 10 6.51 -3.32 3.87
C GLY A 10 6.03 -4.29 2.80
N LYS A 11 4.75 -4.32 2.54
CA LYS A 11 4.22 -5.25 1.49
C LYS A 11 4.59 -4.75 0.10
N ARG A 12 4.10 -5.40 -0.92
CA ARG A 12 4.43 -4.97 -2.31
C ARG A 12 3.16 -4.46 -3.01
N PHE A 13 3.26 -3.38 -3.74
CA PHE A 13 2.07 -2.84 -4.44
C PHE A 13 2.17 -3.11 -5.94
N SER A 14 1.06 -3.26 -6.60
CA SER A 14 1.10 -3.53 -8.07
C SER A 14 0.67 -2.28 -8.84
N LEU A 15 -0.47 -1.73 -8.53
CA LEU A 15 -0.94 -0.51 -9.26
C LEU A 15 -1.61 0.46 -8.29
N ASP A 16 -1.97 1.63 -8.75
CA ASP A 16 -2.62 2.62 -7.86
C ASP A 16 -3.79 1.98 -7.12
N PHE A 17 -4.70 1.37 -7.82
CA PHE A 17 -5.85 0.72 -7.12
C PHE A 17 -5.33 -0.15 -5.99
N ASN A 18 -4.44 -1.06 -6.30
CA ASN A 18 -3.88 -1.93 -5.23
C ASN A 18 -2.92 -1.11 -4.35
N LEU A 19 -2.55 0.05 -4.82
CA LEU A 19 -1.63 0.92 -4.02
C LEU A 19 -2.36 1.48 -2.82
N LYS A 20 -3.48 2.13 -3.02
CA LYS A 20 -4.23 2.70 -1.88
C LYS A 20 -5.04 1.60 -1.19
N THR A 21 -5.49 0.63 -1.93
CA THR A 21 -6.26 -0.48 -1.32
C THR A 21 -5.41 -1.13 -0.23
N HIS A 22 -4.12 -0.90 -0.26
CA HIS A 22 -3.23 -1.50 0.78
C HIS A 22 -2.78 -0.44 1.77
N VAL A 23 -1.91 0.44 1.36
CA VAL A 23 -1.41 1.49 2.29
C VAL A 23 -2.57 2.11 3.08
N LYS A 24 -3.78 2.00 2.59
CA LYS A 24 -4.94 2.59 3.32
C LYS A 24 -4.90 2.23 4.80
N ILE A 25 -4.18 1.19 5.18
CA ILE A 25 -4.10 0.84 6.62
C ILE A 25 -3.11 1.77 7.31
N HIS A 26 -1.90 1.81 6.83
CA HIS A 26 -0.89 2.71 7.45
C HIS A 26 -1.48 4.11 7.52
N THR A 27 -2.42 4.40 6.66
CA THR A 27 -3.06 5.75 6.67
C THR A 27 -4.48 5.63 7.24
N GLY A 28 -4.97 4.42 7.37
CA GLY A 28 -6.35 4.24 7.90
C GLY A 28 -6.41 4.75 9.35
ZN ZN B . 2.12 -2.00 3.91
N PHE A 2 6.99 2.44 0.25
CA PHE A 2 6.36 3.72 0.67
C PHE A 2 5.69 3.57 2.05
N GLN A 3 4.39 3.54 2.09
CA GLN A 3 3.68 3.39 3.40
C GLN A 3 2.17 3.36 3.15
N CYS A 4 1.42 2.71 4.01
CA CYS A 4 -0.06 2.67 3.81
C CYS A 4 -0.74 3.78 4.62
N THR A 5 -1.86 4.26 4.16
CA THR A 5 -2.57 5.33 4.92
C THR A 5 -4.08 5.19 4.70
N PHE A 6 -4.55 3.97 4.65
CA PHE A 6 -6.00 3.74 4.43
C PHE A 6 -6.56 2.81 5.51
N NVA A 7 -7.79 3.03 5.91
CA NVA A 7 -8.41 2.14 6.92
CB NVA A 7 -8.60 0.81 6.20
CG NVA A 7 -9.05 -0.29 7.19
CD NVA A 7 -9.05 0.20 8.64
C NVA A 7 -7.49 1.92 8.11
O NVA A 7 -6.57 2.68 8.36
H NVA A 7 -8.30 3.78 5.52
HA NVA A 7 -9.37 2.54 7.24
HB2 NVA A 7 -7.67 0.53 5.74
HB3 NVA A 7 -9.35 0.93 5.43
HG2 NVA A 7 -8.37 -1.13 7.11
HG3 NVA A 7 -10.04 -0.62 6.92
HD3 NVA A 7 -9.33 -0.61 9.30
N CYS A 8 -7.72 0.85 8.83
CA CYS A 8 -6.84 0.54 9.99
C CYS A 8 -5.66 -0.31 9.50
N CYS A 9 -5.76 -0.80 8.29
CA CYS A 9 -4.64 -1.62 7.73
C CYS A 9 -3.32 -0.86 7.90
N GLY A 10 -3.26 0.32 7.35
CA GLY A 10 -2.02 1.14 7.48
C GLY A 10 -0.78 0.24 7.40
N LYS A 11 -0.72 -0.62 6.41
CA LYS A 11 0.46 -1.52 6.28
C LYS A 11 1.70 -0.71 5.85
N ARG A 12 2.78 -1.37 5.55
CA ARG A 12 4.00 -0.64 5.14
C ARG A 12 4.37 -0.99 3.69
N PHE A 13 4.70 -0.01 2.90
CA PHE A 13 5.07 -0.30 1.48
C PHE A 13 6.59 -0.23 1.30
N SER A 14 7.15 -1.14 0.54
CA SER A 14 8.62 -1.13 0.34
C SER A 14 8.95 -0.39 -0.96
N LEU A 15 8.22 -0.63 -2.01
CA LEU A 15 8.49 0.06 -3.30
C LEU A 15 7.21 0.17 -4.13
N ASP A 16 7.29 0.78 -5.27
CA ASP A 16 6.07 0.91 -6.13
C ASP A 16 5.41 -0.45 -6.33
N PHE A 17 6.17 -1.44 -6.73
CA PHE A 17 5.55 -2.77 -6.93
C PHE A 17 4.70 -3.13 -5.71
N ASN A 18 5.30 -3.15 -4.54
CA ASN A 18 4.51 -3.48 -3.32
C ASN A 18 3.58 -2.30 -2.99
N LEU A 19 3.80 -1.17 -3.62
CA LEU A 19 2.93 0.00 -3.35
C LEU A 19 1.55 -0.21 -3.98
N LYS A 20 1.51 -0.54 -5.24
CA LYS A 20 0.19 -0.76 -5.91
C LYS A 20 -0.32 -2.17 -5.61
N THR A 21 0.57 -3.12 -5.54
CA THR A 21 0.14 -4.51 -5.23
C THR A 21 -0.59 -4.52 -3.88
N HIS A 22 -0.40 -3.50 -3.09
CA HIS A 22 -1.08 -3.45 -1.77
C HIS A 22 -2.29 -2.52 -1.83
N VAL A 23 -2.08 -1.24 -1.94
CA VAL A 23 -3.24 -0.30 -1.98
C VAL A 23 -4.33 -0.84 -2.90
N LYS A 24 -3.97 -1.69 -3.83
CA LYS A 24 -4.99 -2.26 -4.78
C LYS A 24 -6.24 -2.69 -4.01
N ILE A 25 -6.14 -2.96 -2.73
CA ILE A 25 -7.35 -3.36 -1.96
C ILE A 25 -8.14 -2.12 -1.59
N HIS A 26 -7.52 -1.19 -0.91
CA HIS A 26 -8.22 0.06 -0.54
C HIS A 26 -8.83 0.67 -1.80
N THR A 27 -8.27 0.32 -2.93
CA THR A 27 -8.81 0.85 -4.22
C THR A 27 -9.53 -0.27 -4.98
N GLY A 28 -9.35 -1.50 -4.54
CA GLY A 28 -10.02 -2.63 -5.24
C GLY A 28 -11.53 -2.41 -5.24
ZN ZN B . -3.10 -0.89 3.52
N PHE A 2 2.25 -7.32 -1.86
CA PHE A 2 3.14 -6.66 -2.85
C PHE A 2 4.26 -5.88 -2.14
N GLN A 3 4.22 -4.57 -2.19
CA GLN A 3 5.28 -3.76 -1.51
C GLN A 3 4.98 -2.27 -1.69
N CYS A 4 5.39 -1.44 -0.78
CA CYS A 4 5.12 0.02 -0.94
C CYS A 4 6.33 0.71 -1.57
N THR A 5 6.10 1.77 -2.29
CA THR A 5 7.23 2.50 -2.93
C THR A 5 6.90 3.99 -3.01
N PHE A 6 6.26 4.51 -2.01
CA PHE A 6 5.88 5.94 -2.01
C PHE A 6 6.36 6.64 -0.74
N NVA A 7 6.78 7.86 -0.84
CA NVA A 7 7.23 8.60 0.37
CB NVA A 7 5.96 8.79 1.18
CG NVA A 7 6.28 9.38 2.57
CD NVA A 7 7.80 9.44 2.83
C NVA A 7 8.21 7.78 1.19
O NVA A 7 8.85 6.87 0.70
H NVA A 7 6.79 8.30 -1.72
HA NVA A 7 7.66 9.56 0.10
HB2 NVA A 7 5.48 7.83 1.31
HB3 NVA A 7 5.30 9.46 0.65
HG2 NVA A 7 5.82 8.76 3.34
HG3 NVA A 7 5.88 10.38 2.65
HD3 NVA A 7 7.98 9.81 3.83
N CYS A 8 8.30 8.09 2.45
CA CYS A 8 9.22 7.31 3.34
C CYS A 8 8.43 6.15 3.95
N CYS A 9 7.13 6.18 3.81
CA CYS A 9 6.30 5.07 4.35
C CYS A 9 6.86 3.74 3.88
N GLY A 10 6.96 3.58 2.59
CA GLY A 10 7.51 2.30 2.04
C GLY A 10 7.02 1.11 2.86
N LYS A 11 5.74 1.03 3.12
CA LYS A 11 5.20 -0.10 3.92
C LYS A 11 5.31 -1.41 3.13
N ARG A 12 4.72 -2.46 3.63
CA ARG A 12 4.79 -3.76 2.91
C ARG A 12 3.38 -4.23 2.54
N PHE A 13 3.21 -4.70 1.32
CA PHE A 13 1.86 -5.18 0.90
C PHE A 13 1.84 -6.70 0.83
N SER A 14 0.73 -7.30 1.15
CA SER A 14 0.65 -8.79 1.12
C SER A 14 -0.22 -9.25 -0.07
N LEU A 15 -1.24 -8.50 -0.39
CA LEU A 15 -2.12 -8.91 -1.52
C LEU A 15 -2.83 -7.68 -2.11
N ASP A 16 -3.50 -7.85 -3.21
CA ASP A 16 -4.22 -6.70 -3.84
C ASP A 16 -5.09 -5.98 -2.80
N PHE A 17 -5.97 -6.69 -2.15
CA PHE A 17 -6.83 -6.03 -1.13
C PHE A 17 -5.96 -5.14 -0.24
N ASN A 18 -4.96 -5.70 0.37
CA ASN A 18 -4.08 -4.87 1.25
C ASN A 18 -3.23 -3.95 0.36
N LEU A 19 -3.16 -4.24 -0.91
CA LEU A 19 -2.36 -3.39 -1.84
C LEU A 19 -3.04 -2.03 -2.02
N LYS A 20 -4.29 -2.04 -2.41
CA LYS A 20 -5.00 -0.74 -2.60
C LYS A 20 -5.45 -0.19 -1.25
N THR A 21 -5.79 -1.05 -0.32
CA THR A 21 -6.21 -0.57 1.00
C THR A 21 -5.08 0.25 1.63
N HIS A 22 -3.88 0.11 1.12
CA HIS A 22 -2.74 0.88 1.68
C HIS A 22 -2.38 2.05 0.76
N VAL A 23 -1.83 1.76 -0.40
CA VAL A 23 -1.46 2.86 -1.33
C VAL A 23 -2.56 3.92 -1.38
N LYS A 24 -3.78 3.56 -1.06
CA LYS A 24 -4.89 4.54 -1.10
C LYS A 24 -4.44 5.89 -0.52
N ILE A 25 -3.65 5.88 0.52
CA ILE A 25 -3.19 7.18 1.09
C ILE A 25 -2.30 7.90 0.09
N HIS A 26 -1.21 7.30 -0.28
CA HIS A 26 -0.32 7.94 -1.29
C HIS A 26 -1.16 8.44 -2.45
N THR A 27 -2.29 7.83 -2.66
CA THR A 27 -3.18 8.27 -3.76
C THR A 27 -4.27 9.19 -3.20
N GLY A 28 -4.50 9.13 -1.92
CA GLY A 28 -5.55 10.00 -1.31
C GLY A 28 -5.23 11.46 -1.61
ZN ZN B . 3.03 3.17 1.82
N PHE A 2 0.36 6.96 -2.74
CA PHE A 2 0.35 7.31 -1.30
C PHE A 2 1.66 6.87 -0.64
N GLN A 3 1.62 5.88 0.23
CA GLN A 3 2.87 5.42 0.90
C GLN A 3 2.55 4.23 1.82
N CYS A 4 3.49 3.36 2.05
CA CYS A 4 3.21 2.20 2.94
C CYS A 4 3.69 2.52 4.37
N THR A 5 3.16 1.84 5.34
CA THR A 5 3.59 2.08 6.75
C THR A 5 3.28 0.85 7.60
N PHE A 6 3.42 -0.31 7.02
CA PHE A 6 3.13 -1.56 7.76
C PHE A 6 4.31 -2.52 7.69
N NVA A 7 4.59 -3.20 8.76
CA NVA A 7 5.72 -4.17 8.75
CB NVA A 7 5.29 -5.24 7.74
CG NVA A 7 6.44 -6.23 7.45
CD NVA A 7 7.75 -5.78 8.12
C NVA A 7 7.00 -3.53 8.24
O NVA A 7 7.17 -2.33 8.26
H NVA A 7 4.05 -3.09 9.57
HA NVA A 7 5.86 -4.61 9.72
HB2 NVA A 7 4.99 -4.75 6.82
HB3 NVA A 7 4.44 -5.78 8.14
HG2 NVA A 7 6.59 -6.29 6.38
HG3 NVA A 7 6.17 -7.20 7.82
HD3 NVA A 7 8.54 -6.47 7.86
N CYS A 8 7.90 -4.34 7.75
CA CYS A 8 9.18 -3.79 7.21
C CYS A 8 8.98 -3.50 5.72
N CYS A 9 7.89 -3.98 5.16
CA CYS A 9 7.62 -3.72 3.71
C CYS A 9 7.73 -2.22 3.44
N GLY A 10 6.94 -1.44 4.13
CA GLY A 10 6.99 0.03 3.93
C GLY A 10 7.19 0.36 2.44
N LYS A 11 6.39 -0.23 1.58
CA LYS A 11 6.54 0.06 0.13
C LYS A 11 6.04 1.47 -0.20
N ARG A 12 5.98 1.81 -1.46
CA ARG A 12 5.50 3.17 -1.84
C ARG A 12 4.20 3.06 -2.64
N PHE A 13 3.24 3.90 -2.35
CA PHE A 13 1.95 3.85 -3.10
C PHE A 13 1.87 5.03 -4.07
N SER A 14 1.13 4.87 -5.14
CA SER A 14 1.00 5.99 -6.12
C SER A 14 -0.41 6.59 -6.06
N LEU A 15 -1.42 5.79 -6.22
CA LEU A 15 -2.81 6.31 -6.18
C LEU A 15 -3.72 5.34 -5.42
N ASP A 16 -4.95 5.71 -5.20
CA ASP A 16 -5.89 4.81 -4.46
C ASP A 16 -5.87 3.41 -5.08
N PHE A 17 -6.10 3.30 -6.36
CA PHE A 17 -6.09 1.95 -6.98
C PHE A 17 -4.82 1.20 -6.55
N ASN A 18 -3.68 1.79 -6.75
CA ASN A 18 -2.42 1.12 -6.33
C ASN A 18 -2.32 1.15 -4.81
N LEU A 19 -3.09 2.00 -4.18
CA LEU A 19 -3.07 2.08 -2.69
C LEU A 19 -3.63 0.79 -2.09
N LYS A 20 -4.82 0.42 -2.47
CA LYS A 20 -5.43 -0.83 -1.92
C LYS A 20 -4.82 -2.04 -2.62
N THR A 21 -4.41 -1.89 -3.85
CA THR A 21 -3.79 -3.03 -4.57
C THR A 21 -2.55 -3.49 -3.81
N HIS A 22 -2.05 -2.67 -2.94
CA HIS A 22 -0.83 -3.07 -2.16
C HIS A 22 -1.21 -3.39 -0.72
N VAL A 23 -1.58 -2.40 0.06
CA VAL A 23 -1.94 -2.67 1.48
C VAL A 23 -2.79 -3.94 1.59
N LYS A 24 -3.48 -4.31 0.54
CA LYS A 24 -4.33 -5.54 0.58
C LYS A 24 -3.60 -6.66 1.33
N ILE A 25 -2.30 -6.68 1.32
CA ILE A 25 -1.57 -7.76 2.05
C ILE A 25 -1.60 -7.46 3.55
N HIS A 26 -1.08 -6.34 3.94
CA HIS A 26 -1.10 -5.99 5.39
C HIS A 26 -2.53 -6.14 5.90
N THR A 27 -3.48 -6.05 5.00
CA THR A 27 -4.90 -6.21 5.40
C THR A 27 -5.39 -7.60 5.02
N GLY A 28 -4.67 -8.27 4.16
CA GLY A 28 -5.09 -9.65 3.75
C GLY A 28 -3.87 -10.55 3.68
ZN ZN B . 3.51 -2.44 2.27
N PHE A 2 5.84 -5.06 -1.69
CA PHE A 2 5.28 -5.94 -0.63
C PHE A 2 3.94 -6.54 -1.08
N GLN A 3 2.85 -6.13 -0.47
CA GLN A 3 1.51 -6.67 -0.87
C GLN A 3 0.42 -6.00 -0.03
N CYS A 4 -0.76 -5.84 -0.57
CA CYS A 4 -1.85 -5.22 0.23
C CYS A 4 -2.71 -6.29 0.89
N THR A 5 -3.53 -5.90 1.83
CA THR A 5 -4.41 -6.88 2.52
C THR A 5 -5.50 -6.12 3.27
N PHE A 6 -6.02 -5.08 2.67
CA PHE A 6 -7.08 -4.29 3.34
C PHE A 6 -8.30 -4.11 2.44
N NVA A 7 -9.46 -4.00 3.01
CA NVA A 7 -10.69 -3.80 2.21
CB NVA A 7 -10.59 -2.36 1.74
CG NVA A 7 -11.85 -2.04 0.93
CD NVA A 7 -11.81 -2.81 -0.41
C NVA A 7 -10.73 -4.69 0.99
O NVA A 7 -10.17 -5.76 0.96
H NVA A 7 -9.51 -4.04 4.00
HA NVA A 7 -11.57 -3.93 2.81
HB2 NVA A 7 -9.71 -2.24 1.12
HB3 NVA A 7 -10.52 -1.70 2.59
HG2 NVA A 7 -11.88 -0.98 0.72
HG3 NVA A 7 -12.72 -2.32 1.49
HD3 NVA A 7 -12.56 -2.41 -1.08
N CYS A 8 -11.38 -4.21 -0.06
CA CYS A 8 -11.42 -5.04 -1.31
C CYS A 8 -10.28 -4.60 -2.23
N CYS A 9 -9.48 -3.67 -1.80
CA CYS A 9 -8.34 -3.21 -2.63
C CYS A 9 -7.33 -4.33 -2.76
N GLY A 10 -6.81 -4.78 -1.65
CA GLY A 10 -5.81 -5.89 -1.67
C GLY A 10 -4.88 -5.74 -2.89
N LYS A 11 -4.40 -4.55 -3.13
CA LYS A 11 -3.48 -4.34 -4.29
C LYS A 11 -2.12 -4.95 -4.01
N ARG A 12 -1.18 -4.75 -4.89
CA ARG A 12 0.18 -5.33 -4.67
C ARG A 12 1.20 -4.21 -4.42
N PHE A 13 2.14 -4.44 -3.53
CA PHE A 13 3.16 -3.40 -3.24
C PHE A 13 4.51 -3.80 -3.83
N SER A 14 5.28 -2.85 -4.27
CA SER A 14 6.61 -3.17 -4.86
C SER A 14 7.71 -2.97 -3.81
N LEU A 15 7.81 -1.81 -3.25
CA LEU A 15 8.86 -1.55 -2.23
C LEU A 15 8.31 -0.63 -1.13
N ASP A 16 9.08 -0.42 -0.10
CA ASP A 16 8.61 0.47 1.01
C ASP A 16 8.02 1.75 0.44
N PHE A 17 8.74 2.45 -0.40
CA PHE A 17 8.20 3.70 -0.97
C PHE A 17 6.78 3.45 -1.48
N ASN A 18 6.61 2.53 -2.38
CA ASN A 18 5.25 2.23 -2.90
C ASN A 18 4.43 1.57 -1.79
N LEU A 19 5.08 1.01 -0.81
CA LEU A 19 4.36 0.36 0.31
C LEU A 19 3.56 1.41 1.10
N LYS A 20 4.23 2.43 1.57
CA LYS A 20 3.51 3.48 2.34
C LYS A 20 2.77 4.41 1.39
N THR A 21 3.32 4.66 0.24
CA THR A 21 2.64 5.55 -0.74
C THR A 21 1.28 4.95 -1.08
N HIS A 22 1.10 3.68 -0.83
CA HIS A 22 -0.21 3.05 -1.13
C HIS A 22 -1.07 2.93 0.13
N VAL A 23 -0.68 2.10 1.06
CA VAL A 23 -1.49 1.94 2.30
C VAL A 23 -1.96 3.31 2.80
N LYS A 24 -1.25 4.36 2.46
CA LYS A 24 -1.66 5.72 2.92
C LYS A 24 -3.18 5.92 2.79
N ILE A 25 -3.83 5.19 1.93
CA ILE A 25 -5.31 5.35 1.79
C ILE A 25 -6.00 4.61 2.93
N HIS A 26 -5.75 3.33 3.04
CA HIS A 26 -6.38 2.55 4.14
C HIS A 26 -6.09 3.25 5.46
N THR A 27 -5.06 4.05 5.49
CA THR A 27 -4.71 4.79 6.73
C THR A 27 -4.99 6.28 6.54
N GLY A 28 -5.26 6.68 5.32
CA GLY A 28 -5.55 8.12 5.06
C GLY A 28 -4.30 8.96 5.37
ZN ZN B . -4.54 -1.43 -0.78
N PHE A 2 -1.39 -3.48 -5.97
CA PHE A 2 -1.88 -2.14 -6.41
C PHE A 2 -3.31 -1.90 -5.87
N GLN A 3 -3.51 -2.18 -4.61
CA GLN A 3 -4.85 -1.98 -3.99
C GLN A 3 -4.79 -2.37 -2.50
N CYS A 4 -5.14 -1.49 -1.61
CA CYS A 4 -5.08 -1.87 -0.16
C CYS A 4 -6.25 -2.77 0.22
N THR A 5 -6.16 -3.40 1.36
CA THR A 5 -7.26 -4.30 1.81
C THR A 5 -7.00 -4.72 3.25
N PHE A 6 -6.42 -3.83 4.02
CA PHE A 6 -6.10 -4.15 5.44
C PHE A 6 -6.66 -3.07 6.37
N NVA A 7 -6.96 -3.42 7.58
CA NVA A 7 -7.46 -2.41 8.56
CB NVA A 7 -6.21 -1.61 8.95
CG NVA A 7 -6.59 -0.33 9.72
CD NVA A 7 -8.12 -0.19 9.89
C NVA A 7 -8.46 -1.47 7.90
O NVA A 7 -9.01 -1.75 6.85
H NVA A 7 -6.82 -4.35 7.87
HA NVA A 7 -7.88 -2.89 9.42
HB2 NVA A 7 -5.68 -1.33 8.05
HB3 NVA A 7 -5.58 -2.22 9.57
HG2 NVA A 7 -6.23 0.53 9.18
HG3 NVA A 7 -6.14 -0.35 10.70
HD3 NVA A 7 -8.35 0.70 10.45
N CYS A 8 -8.66 -0.32 8.50
CA CYS A 8 -9.60 0.67 7.91
C CYS A 8 -8.84 1.50 6.87
N CYS A 9 -7.54 1.39 6.86
CA CYS A 9 -6.73 2.14 5.88
C CYS A 9 -7.27 1.87 4.47
N GLY A 10 -7.23 0.63 4.07
CA GLY A 10 -7.75 0.25 2.72
C GLY A 10 -7.47 1.37 1.70
N LYS A 11 -6.25 1.83 1.61
CA LYS A 11 -5.93 2.91 0.64
C LYS A 11 -5.84 2.33 -0.78
N ARG A 12 -5.47 3.15 -1.73
CA ARG A 12 -5.36 2.65 -3.13
C ARG A 12 -3.89 2.65 -3.59
N PHE A 13 -3.39 1.52 -3.99
CA PHE A 13 -1.98 1.46 -4.44
C PHE A 13 -1.91 1.60 -5.97
N SER A 14 -0.92 2.27 -6.47
CA SER A 14 -0.81 2.45 -7.94
C SER A 14 0.15 1.40 -8.53
N LEU A 15 1.41 1.73 -8.62
CA LEU A 15 2.39 0.76 -9.19
C LEU A 15 3.22 0.11 -8.07
N ASP A 16 3.96 -0.91 -8.39
CA ASP A 16 4.78 -1.59 -7.36
C ASP A 16 5.46 -0.56 -6.45
N PHE A 17 6.05 0.45 -7.00
CA PHE A 17 6.72 1.47 -6.17
C PHE A 17 5.74 2.01 -5.12
N ASN A 18 4.72 2.71 -5.56
CA ASN A 18 3.72 3.24 -4.59
C ASN A 18 2.93 2.08 -3.97
N LEU A 19 3.12 0.89 -4.48
CA LEU A 19 2.40 -0.28 -3.93
C LEU A 19 3.12 -0.82 -2.69
N LYS A 20 4.39 -1.06 -2.78
CA LYS A 20 5.13 -1.59 -1.60
C LYS A 20 5.49 -0.45 -0.65
N THR A 21 5.63 0.74 -1.17
CA THR A 21 5.96 1.90 -0.30
C THR A 21 4.83 2.13 0.70
N HIS A 22 3.67 1.58 0.44
CA HIS A 22 2.53 1.77 1.36
C HIS A 22 2.31 0.52 2.23
N VAL A 23 1.91 -0.58 1.63
CA VAL A 23 1.68 -1.81 2.43
C VAL A 23 2.80 -1.99 3.46
N LYS A 24 3.96 -1.44 3.20
CA LYS A 24 5.09 -1.59 4.16
C LYS A 24 4.60 -1.39 5.61
N ILE A 25 3.54 -0.66 5.81
CA ILE A 25 3.03 -0.47 7.21
C ILE A 25 2.31 -1.73 7.66
N HIS A 26 1.29 -2.13 6.97
CA HIS A 26 0.56 -3.36 7.35
C HIS A 26 1.59 -4.48 7.51
N THR A 27 2.71 -4.34 6.87
CA THR A 27 3.77 -5.37 7.00
C THR A 27 4.85 -4.88 7.96
N GLY A 28 4.89 -3.59 8.21
CA GLY A 28 5.91 -3.05 9.15
C GLY A 28 5.55 -1.62 9.53
ZN ZN B . -3.22 0.43 3.50
N PHE A 2 0.88 -7.07 3.05
CA PHE A 2 0.59 -7.65 1.71
C PHE A 2 1.72 -7.33 0.72
N GLN A 3 1.49 -6.45 -0.22
CA GLN A 3 2.55 -6.10 -1.20
C GLN A 3 2.02 -5.02 -2.16
N CYS A 4 2.89 -4.18 -2.68
CA CYS A 4 2.41 -3.13 -3.62
C CYS A 4 2.59 -3.61 -5.07
N THR A 5 1.94 -2.95 -5.99
CA THR A 5 2.07 -3.34 -7.42
C THR A 5 1.55 -2.21 -8.31
N PHE A 6 1.83 -0.99 -7.92
CA PHE A 6 1.35 0.17 -8.71
C PHE A 6 2.50 1.11 -9.05
N NVA A 7 2.47 1.69 -10.23
CA NVA A 7 3.53 2.65 -10.62
CB NVA A 7 3.34 3.83 -9.70
CG NVA A 7 4.38 4.89 -10.07
CD NVA A 7 5.79 4.41 -9.68
C NVA A 7 4.93 2.08 -10.37
O NVA A 7 5.15 0.89 -10.40
H NVA A 7 1.72 1.51 -10.83
HA NVA A 7 3.42 2.95 -11.64
HB2 NVA A 7 3.50 3.52 -8.68
HB3 NVA A 7 2.35 4.23 -9.81
HG2 NVA A 7 4.16 5.81 -9.54
HG3 NVA A 7 4.34 5.08 -11.13
HD3 NVA A 7 6.29 5.18 -9.12
N CYS A 8 5.87 2.96 -10.11
CA CYS A 8 7.25 2.47 -9.82
C CYS A 8 7.45 2.36 -8.31
N CYS A 9 6.42 2.63 -7.55
CA CYS A 9 6.53 2.53 -6.06
C CYS A 9 6.67 1.07 -5.68
N GLY A 10 5.71 0.27 -6.03
CA GLY A 10 5.77 -1.18 -5.69
C GLY A 10 6.37 -1.37 -4.29
N LYS A 11 5.86 -0.67 -3.31
CA LYS A 11 6.39 -0.82 -1.93
C LYS A 11 5.94 -2.15 -1.33
N ARG A 12 6.20 -2.35 -0.06
CA ARG A 12 5.79 -3.63 0.60
C ARG A 12 4.70 -3.37 1.64
N PHE A 13 3.69 -4.18 1.67
CA PHE A 13 2.60 -3.98 2.68
C PHE A 13 2.74 -4.99 3.80
N SER A 14 2.49 -4.58 5.01
CA SER A 14 2.61 -5.52 6.17
C SER A 14 1.24 -6.12 6.49
N LEU A 15 0.24 -5.29 6.69
CA LEU A 15 -1.11 -5.81 7.00
C LEU A 15 -2.18 -4.91 6.36
N ASP A 16 -3.44 -5.23 6.55
CA ASP A 16 -4.51 -4.40 5.95
C ASP A 16 -4.32 -2.93 6.33
N PHE A 17 -4.21 -2.63 7.59
CA PHE A 17 -4.01 -1.21 7.99
C PHE A 17 -2.94 -0.57 7.09
N ASN A 18 -1.77 -1.14 7.06
CA ASN A 18 -0.69 -0.57 6.19
C ASN A 18 -1.03 -0.84 4.73
N LEU A 19 -1.95 -1.74 4.48
CA LEU A 19 -2.34 -2.06 3.08
C LEU A 19 -3.10 -0.88 2.47
N LYS A 20 -4.13 -0.42 3.13
CA LYS A 20 -4.91 0.72 2.58
C LYS A 20 -4.19 2.03 2.89
N THR A 21 -3.60 2.12 4.04
CA THR A 21 -2.88 3.38 4.41
C THR A 21 -1.82 3.66 3.34
N HIS A 22 -1.46 2.67 2.57
CA HIS A 22 -0.43 2.88 1.52
C HIS A 22 -1.09 3.03 0.15
N VAL A 23 -1.63 1.97 -0.39
CA VAL A 23 -2.27 2.07 -1.73
C VAL A 23 -3.11 3.35 -1.83
N LYS A 24 -3.55 3.87 -0.72
CA LYS A 24 -4.37 5.12 -0.76
C LYS A 24 -3.82 6.12 -1.78
N ILE A 25 -2.51 6.23 -1.89
CA ILE A 25 -1.94 7.18 -2.88
C ILE A 25 -2.28 6.72 -4.29
N HIS A 26 -1.85 5.55 -4.66
CA HIS A 26 -2.18 5.05 -6.02
C HIS A 26 -3.66 5.25 -6.28
N THR A 27 -4.43 5.30 -5.23
CA THR A 27 -5.90 5.51 -5.40
C THR A 27 -6.22 6.99 -5.18
N GLY A 28 -5.34 7.71 -4.53
CA GLY A 28 -5.60 9.16 -4.29
C GLY A 28 -4.96 9.99 -5.40
ZN ZN B . 2.87 1.55 -3.57
#